data_8AY5
#
_entry.id   8AY5
#
loop_
_entity.id
_entity.type
_entity.pdbx_description
1 polymer 'Capsid protein VP1'
2 polymer 'Capsid protein VP2'
3 polymer VP3
#
loop_
_entity_poly.entity_id
_entity_poly.type
_entity_poly.pdbx_seq_one_letter_code
_entity_poly.pdbx_strand_id
1 'polypeptide(L)'
;ALDAAETGHTSSVQPEDVIETRYVQTSQTRDEMSLESFLGRSGCIHESKLEVTLANYNKENFTVWAINLQEMAQIRRKFE
LFTYTRFDSEITLVPCISALSQDIGHITMQYMYVPPGAPVPNSRDDYAWQSGTNASVFWQHGQAYPRFSLPFLSVASAYY
MFYDGYDEQDQNYGTANTNNMGSLCSRIVTEKHIHKVHIMTRIYHKAKHVKAWCPRPPRALEYTRAHRTNFKIEDRSIQT
AIVTRPIITTA
;
A
2 'polypeptide(L)'
;RIIQITRGDSTITSQDVANAIVAYGVWPHYLSSKDASAIDKPSQPDTSSNRFYTLRSVTWSSSSKGWWWKLPDALKDMGI
FGENMFYHYLGRSGYTIHVQCNASKFHQGTLIVALIPEHQIASALHGNVNVGYNYTHPGETGREVKAETRLNPDLQPTEE
YWLNFDGTLLGNITIFPHQFINLRSNNSATIIAPYVNAVPMDSMRSHNNWSLVIIPICPLETSSAINTIPITISISPMCA
EFSGARAKRQ
;
B
3 'polypeptide(L)'
;GLPVFITPGSGQFLTTDDFQSPCALPWYHPTKEISIPGEVKNLVEICQVDSLVPINNTDTYINSENMYSVVLQSSINAPD
KIFSIRTDVASQPLATTLIGEISSYFTHWTGSLRFSFMFCGTANTTVKLLLAYTPPGIAEPTTRKDAMLGTHVIWDVGLQ
STISMVVPWISASHYRNTSPGRSTSGYITCWYQTRLVIPPQTPPTARLLCFVSGCKDFCLRMARDTNLHLQSGAIAQ
;
C
#
# COMPACT_ATOMS: atom_id res chain seq x y z
N ALA A 1 -11.47 1.85 26.99
CA ALA A 1 -11.13 3.03 26.18
C ALA A 1 -9.63 3.33 26.05
N LEU A 2 -8.81 2.78 26.95
CA LEU A 2 -7.37 2.90 26.94
C LEU A 2 -6.74 1.71 26.22
N ASP A 3 -5.66 1.91 25.48
CA ASP A 3 -4.91 0.81 24.85
C ASP A 3 -3.43 1.14 24.59
N ALA A 4 -2.71 0.21 23.95
CA ALA A 4 -1.34 0.38 23.48
C ALA A 4 -1.31 0.25 21.95
N ALA A 5 -1.50 1.32 21.21
CA ALA A 5 -1.48 1.26 19.76
C ALA A 5 -0.16 0.64 19.25
N GLU A 6 0.92 0.84 20.01
CA GLU A 6 2.24 0.26 19.79
C GLU A 6 2.25 -1.26 19.63
N THR A 7 1.23 -1.95 20.15
CA THR A 7 1.02 -3.39 19.91
C THR A 7 1.00 -3.73 18.43
N GLY A 8 0.62 -2.78 17.57
CA GLY A 8 0.26 -3.02 16.18
C GLY A 8 -1.23 -3.30 16.00
N HIS A 9 -1.90 -3.82 17.02
CA HIS A 9 -3.32 -4.12 16.92
C HIS A 9 -4.12 -2.83 16.83
N THR A 10 -5.24 -2.82 16.11
CA THR A 10 -6.12 -1.65 16.13
C THR A 10 -6.65 -1.39 17.55
N SER A 11 -6.83 -0.11 17.84
CA SER A 11 -7.26 0.48 19.10
C SER A 11 -8.66 0.12 19.57
N SER A 12 -8.96 0.49 20.83
CA SER A 12 -10.20 0.21 21.57
C SER A 12 -11.43 0.26 20.68
N VAL A 13 -12.04 -0.90 20.50
CA VAL A 13 -12.77 -1.14 19.28
C VAL A 13 -14.17 -0.53 19.27
N GLN A 14 -14.80 -0.37 20.43
CA GLN A 14 -16.26 -0.41 20.51
C GLN A 14 -16.89 0.98 20.69
N PRO A 15 -17.92 1.35 19.90
CA PRO A 15 -18.49 2.69 19.93
C PRO A 15 -19.44 2.85 21.12
N GLU A 16 -20.17 1.80 21.47
CA GLU A 16 -21.05 1.77 22.65
C GLU A 16 -20.31 2.03 23.96
N ASP A 17 -18.97 1.96 23.98
CA ASP A 17 -18.23 2.15 25.21
C ASP A 17 -18.32 3.58 25.76
N VAL A 18 -18.31 4.58 24.88
CA VAL A 18 -18.24 5.99 25.30
C VAL A 18 -19.47 6.81 24.93
N ILE A 19 -20.47 6.18 24.33
CA ILE A 19 -21.78 6.76 24.13
C ILE A 19 -22.84 5.86 24.77
N GLU A 20 -23.68 6.45 25.59
CA GLU A 20 -24.91 5.85 26.07
C GLU A 20 -25.94 5.82 24.92
N THR A 21 -25.77 4.88 23.99
CA THR A 21 -26.56 4.74 22.76
C THR A 21 -27.98 4.27 23.01
N ARG A 22 -28.91 4.63 22.11
CA ARG A 22 -30.13 3.84 21.89
C ARG A 22 -29.79 2.69 20.94
N TYR A 23 -30.52 1.58 21.06
CA TYR A 23 -30.49 0.49 20.09
C TYR A 23 -30.87 1.01 18.71
N VAL A 24 -30.06 0.74 17.69
CA VAL A 24 -30.39 1.10 16.32
C VAL A 24 -30.13 -0.08 15.41
N GLN A 25 -31.06 -0.32 14.49
CA GLN A 25 -30.86 -1.26 13.40
C GLN A 25 -29.88 -0.69 12.38
N THR A 26 -28.62 -0.57 12.78
CA THR A 26 -27.51 -0.34 11.86
C THR A 26 -27.43 -1.55 10.96
N SER A 27 -27.73 -1.33 9.69
CA SER A 27 -28.24 -2.34 8.77
C SER A 27 -27.94 -1.92 7.34
N GLN A 28 -26.72 -1.43 7.14
CA GLN A 28 -26.23 -0.93 5.87
C GLN A 28 -25.22 -1.93 5.33
N THR A 29 -25.47 -2.47 4.14
CA THR A 29 -24.63 -3.55 3.61
C THR A 29 -23.28 -3.04 3.14
N ARG A 30 -22.25 -3.86 3.36
CA ARG A 30 -20.89 -3.60 2.90
C ARG A 30 -20.63 -4.15 1.50
N ASP A 31 -21.65 -4.67 0.82
CA ASP A 31 -21.44 -5.39 -0.43
C ASP A 31 -20.85 -4.53 -1.56
N GLU A 32 -21.19 -3.24 -1.69
CA GLU A 32 -20.48 -2.39 -2.66
C GLU A 32 -18.99 -2.28 -2.33
N MET A 33 -18.65 -2.41 -1.06
CA MET A 33 -17.28 -2.38 -0.58
C MET A 33 -16.55 -3.71 -0.80
N SER A 34 -17.20 -4.70 -1.41
CA SER A 34 -16.57 -5.99 -1.72
C SER A 34 -15.49 -5.84 -2.79
N LEU A 35 -14.54 -6.76 -2.83
CA LEU A 35 -13.50 -6.74 -3.86
C LEU A 35 -14.08 -7.02 -5.25
N GLU A 36 -15.01 -7.97 -5.36
CA GLU A 36 -15.75 -8.25 -6.60
C GLU A 36 -16.64 -7.06 -7.05
N SER A 37 -16.79 -6.04 -6.20
CA SER A 37 -17.27 -4.73 -6.59
C SER A 37 -16.12 -3.79 -6.96
N PHE A 38 -15.25 -3.47 -6.01
CA PHE A 38 -14.30 -2.37 -6.18
C PHE A 38 -13.30 -2.63 -7.31
N LEU A 39 -12.65 -3.80 -7.32
CA LEU A 39 -11.91 -4.24 -8.49
C LEU A 39 -12.87 -4.47 -9.65
N GLY A 40 -13.97 -5.17 -9.34
CA GLY A 40 -15.00 -5.57 -10.30
C GLY A 40 -15.89 -4.47 -10.87
N ARG A 41 -15.31 -3.32 -11.22
CA ARG A 41 -15.83 -2.38 -12.21
C ARG A 41 -14.75 -2.14 -13.25
N SER A 42 -15.10 -2.13 -14.53
CA SER A 42 -14.14 -1.95 -15.62
C SER A 42 -13.59 -0.55 -15.61
N GLY A 43 -12.45 -0.37 -16.26
CA GLY A 43 -11.88 0.92 -16.59
C GLY A 43 -10.93 0.80 -17.76
N CYS A 44 -10.56 1.92 -18.36
CA CYS A 44 -9.63 1.89 -19.49
C CYS A 44 -8.23 1.53 -18.99
N ILE A 45 -7.43 0.94 -19.88
CA ILE A 45 -6.12 0.37 -19.57
C ILE A 45 -5.01 1.00 -20.40
N HIS A 46 -5.27 1.23 -21.69
CA HIS A 46 -4.27 1.63 -22.68
C HIS A 46 -4.95 2.22 -23.93
N GLU A 47 -4.18 2.87 -24.78
CA GLU A 47 -4.65 3.66 -25.91
C GLU A 47 -3.95 3.29 -27.23
N SER A 48 -4.54 2.38 -28.00
CA SER A 48 -3.97 1.94 -29.27
C SER A 48 -4.36 2.90 -30.40
N LYS A 49 -3.62 4.01 -30.48
CA LYS A 49 -3.65 4.99 -31.56
C LYS A 49 -2.75 4.52 -32.72
N LEU A 50 -3.26 4.60 -33.94
CA LEU A 50 -2.56 4.27 -35.19
C LEU A 50 -2.97 5.24 -36.30
N GLU A 51 -2.05 5.55 -37.21
CA GLU A 51 -2.37 6.11 -38.52
C GLU A 51 -2.24 5.07 -39.63
N VAL A 52 -3.22 5.00 -40.51
CA VAL A 52 -3.09 4.26 -41.76
C VAL A 52 -2.16 5.00 -42.70
N THR A 53 -0.92 4.53 -42.75
CA THR A 53 0.10 4.93 -43.72
C THR A 53 -0.27 4.44 -45.11
N LEU A 54 -0.09 5.25 -46.13
CA LEU A 54 -0.35 4.83 -47.51
C LEU A 54 0.92 4.26 -48.17
N ALA A 55 2.03 4.99 -48.11
CA ALA A 55 3.23 4.75 -48.94
C ALA A 55 3.82 3.35 -48.82
N ASN A 56 3.69 2.74 -47.64
CA ASN A 56 3.78 1.29 -47.49
C ASN A 56 2.73 0.79 -46.51
N TYR A 57 1.48 0.85 -46.96
CA TYR A 57 0.31 0.30 -46.30
C TYR A 57 0.57 -1.11 -45.73
N ASN A 58 1.24 -1.91 -46.55
CA ASN A 58 1.57 -3.30 -46.29
C ASN A 58 2.57 -3.49 -45.14
N LYS A 59 3.44 -2.50 -44.90
CA LYS A 59 4.41 -2.53 -43.82
C LYS A 59 3.83 -2.01 -42.52
N GLU A 60 3.44 -0.75 -42.47
CA GLU A 60 3.48 -0.02 -41.20
C GLU A 60 2.23 -0.20 -40.33
N ASN A 61 1.08 -0.53 -40.92
CA ASN A 61 -0.21 -0.29 -40.29
C ASN A 61 -0.62 -1.39 -39.30
N PHE A 62 0.13 -1.47 -38.22
CA PHE A 62 -0.09 -2.30 -37.06
C PHE A 62 0.56 -1.68 -35.83
N THR A 63 0.19 -2.14 -34.65
CA THR A 63 0.81 -1.73 -33.38
C THR A 63 0.93 -2.91 -32.43
N VAL A 64 1.83 -2.80 -31.46
CA VAL A 64 2.00 -3.76 -30.37
C VAL A 64 2.19 -3.01 -29.06
N TRP A 65 1.56 -3.48 -27.98
CA TRP A 65 1.68 -2.88 -26.66
C TRP A 65 1.94 -3.91 -25.57
N ALA A 66 2.96 -3.66 -24.77
CA ALA A 66 3.31 -4.51 -23.64
C ALA A 66 2.23 -4.47 -22.57
N ILE A 67 1.61 -5.61 -22.31
CA ILE A 67 0.49 -5.69 -21.38
C ILE A 67 0.95 -5.36 -19.97
N ASN A 68 0.34 -4.34 -19.36
CA ASN A 68 0.53 -3.98 -17.96
C ASN A 68 -0.68 -3.22 -17.44
N LEU A 69 -0.89 -3.20 -16.12
CA LEU A 69 -1.92 -2.34 -15.50
C LEU A 69 -1.32 -1.03 -14.95
N GLN A 70 -0.15 -0.64 -15.45
CA GLN A 70 0.72 0.32 -14.80
C GLN A 70 0.77 1.68 -15.49
N GLU A 71 -0.08 1.98 -16.47
CA GLU A 71 -0.03 3.27 -17.18
C GLU A 71 -1.38 3.98 -17.42
N MET A 72 -2.42 3.61 -16.67
CA MET A 72 -3.60 4.45 -16.44
C MET A 72 -3.90 4.51 -14.95
N ALA A 73 -3.88 5.70 -14.37
CA ALA A 73 -3.72 5.85 -12.93
C ALA A 73 -4.82 5.18 -12.11
N GLN A 74 -6.09 5.35 -12.45
CA GLN A 74 -7.18 4.85 -11.62
C GLN A 74 -7.10 3.34 -11.47
N ILE A 75 -7.05 2.62 -12.59
CA ILE A 75 -6.91 1.16 -12.57
C ILE A 75 -5.63 0.82 -11.84
N ARG A 76 -4.53 1.47 -12.17
CA ARG A 76 -3.26 1.21 -11.51
C ARG A 76 -3.42 1.28 -9.99
N ARG A 77 -4.08 2.30 -9.48
CA ARG A 77 -4.25 2.51 -8.04
C ARG A 77 -5.17 1.50 -7.40
N LYS A 78 -6.12 0.92 -8.13
CA LYS A 78 -6.84 -0.24 -7.61
C LYS A 78 -5.89 -1.38 -7.25
N PHE A 79 -4.92 -1.65 -8.11
CA PHE A 79 -4.05 -2.80 -7.97
C PHE A 79 -2.79 -2.50 -7.16
N GLU A 80 -2.31 -1.27 -7.25
CA GLU A 80 -1.30 -0.64 -6.40
C GLU A 80 -1.89 -0.34 -5.02
N LEU A 81 -2.39 -1.40 -4.40
CA LEU A 81 -3.12 -1.43 -3.16
C LEU A 81 -2.86 -2.74 -2.42
N PHE A 82 -2.02 -3.62 -2.96
CA PHE A 82 -1.79 -4.98 -2.51
C PHE A 82 -0.38 -5.45 -2.84
N THR A 83 0.03 -6.57 -2.28
CA THR A 83 1.22 -7.29 -2.75
C THR A 83 0.94 -7.99 -4.07
N TYR A 84 -0.14 -8.75 -4.11
CA TYR A 84 -0.50 -9.60 -5.22
C TYR A 84 -2.01 -9.56 -5.41
N THR A 85 -2.47 -9.84 -6.62
CA THR A 85 -3.89 -10.05 -6.88
C THR A 85 -4.07 -11.08 -7.96
N ARG A 86 -5.23 -11.70 -7.99
CA ARG A 86 -5.61 -12.74 -8.93
C ARG A 86 -7.03 -12.46 -9.36
N PHE A 87 -7.31 -12.63 -10.63
CA PHE A 87 -8.64 -12.40 -11.17
C PHE A 87 -8.73 -12.96 -12.58
N ASP A 88 -9.95 -13.25 -12.98
CA ASP A 88 -10.30 -13.34 -14.38
C ASP A 88 -10.70 -11.96 -14.89
N SER A 89 -10.58 -11.77 -16.18
CA SER A 89 -10.63 -10.47 -16.79
C SER A 89 -11.69 -10.42 -17.87
N GLU A 90 -12.72 -9.61 -17.66
CA GLU A 90 -13.40 -9.03 -18.80
C GLU A 90 -12.41 -8.08 -19.48
N ILE A 91 -12.25 -8.27 -20.78
CA ILE A 91 -11.54 -7.37 -21.65
C ILE A 91 -12.53 -6.79 -22.64
N THR A 92 -12.53 -5.47 -22.85
CA THR A 92 -13.47 -4.81 -23.77
C THR A 92 -12.77 -3.81 -24.65
N LEU A 93 -13.10 -3.84 -25.93
CA LEU A 93 -12.46 -3.04 -26.95
C LEU A 93 -13.43 -1.95 -27.41
N VAL A 94 -12.96 -0.72 -27.39
CA VAL A 94 -13.69 0.42 -27.95
C VAL A 94 -12.90 0.97 -29.13
N PRO A 95 -13.04 0.33 -30.29
CA PRO A 95 -12.45 0.80 -31.52
C PRO A 95 -13.18 2.05 -32.03
N CYS A 96 -12.40 2.99 -32.54
CA CYS A 96 -12.86 4.26 -33.09
C CYS A 96 -12.09 4.56 -34.37
N ILE A 97 -12.78 4.94 -35.44
CA ILE A 97 -12.15 5.41 -36.67
C ILE A 97 -12.36 6.91 -36.78
N SER A 98 -11.27 7.64 -37.00
CA SER A 98 -11.29 9.06 -37.26
C SER A 98 -10.87 9.34 -38.70
N ALA A 99 -11.70 10.08 -39.43
CA ALA A 99 -11.47 10.36 -40.83
C ALA A 99 -10.53 11.55 -41.03
N LEU A 100 -9.47 11.35 -41.80
CA LEU A 100 -8.70 12.46 -42.36
C LEU A 100 -9.09 12.73 -43.82
N SER A 101 -10.14 12.06 -44.31
CA SER A 101 -10.61 12.05 -45.69
C SER A 101 -12.13 12.13 -45.77
N GLN A 102 -12.66 12.41 -46.96
CA GLN A 102 -14.09 12.67 -47.18
C GLN A 102 -15.00 11.50 -46.78
N ASP A 103 -14.48 10.27 -46.71
CA ASP A 103 -15.18 9.07 -46.28
C ASP A 103 -14.18 8.11 -45.59
N ILE A 104 -14.69 7.06 -44.96
CA ILE A 104 -13.91 5.94 -44.41
C ILE A 104 -14.15 4.63 -45.16
N GLY A 105 -15.29 4.48 -45.83
CA GLY A 105 -15.73 3.18 -46.34
C GLY A 105 -15.84 2.10 -45.25
N HIS A 106 -16.02 0.86 -45.69
CA HIS A 106 -15.88 -0.33 -44.83
C HIS A 106 -14.43 -0.44 -44.37
N ILE A 107 -14.20 -0.73 -43.09
CA ILE A 107 -12.88 -0.99 -42.54
C ILE A 107 -12.99 -2.17 -41.59
N THR A 108 -12.00 -3.04 -41.61
CA THR A 108 -11.88 -4.17 -40.68
C THR A 108 -10.49 -4.19 -40.07
N MET A 109 -10.42 -4.58 -38.81
CA MET A 109 -9.31 -4.45 -37.92
C MET A 109 -9.13 -5.74 -37.13
N GLN A 110 -7.89 -6.16 -36.99
CA GLN A 110 -7.45 -7.35 -36.28
C GLN A 110 -6.88 -6.93 -34.95
N TYR A 111 -7.08 -7.77 -33.94
CA TYR A 111 -6.28 -7.77 -32.74
C TYR A 111 -5.73 -9.16 -32.51
N MET A 112 -4.58 -9.24 -31.87
CA MET A 112 -4.02 -10.50 -31.39
C MET A 112 -3.41 -10.34 -30.01
N TYR A 113 -3.76 -11.22 -29.08
CA TYR A 113 -2.89 -11.45 -27.94
C TYR A 113 -1.63 -12.19 -28.39
N VAL A 114 -0.49 -11.55 -28.17
CA VAL A 114 0.85 -12.08 -28.42
C VAL A 114 1.42 -12.47 -27.06
N PRO A 115 1.17 -13.69 -26.56
CA PRO A 115 1.96 -14.21 -25.46
C PRO A 115 3.45 -14.21 -25.83
N PRO A 116 4.35 -14.10 -24.84
CA PRO A 116 5.77 -14.03 -25.11
C PRO A 116 6.21 -15.26 -25.90
N GLY A 117 7.18 -15.11 -26.79
CA GLY A 117 7.65 -16.19 -27.66
C GLY A 117 6.66 -16.64 -28.75
N ALA A 118 5.52 -15.97 -28.92
CA ALA A 118 4.90 -15.93 -30.23
C ALA A 118 5.76 -15.04 -31.16
N PRO A 119 5.83 -15.32 -32.46
CA PRO A 119 6.56 -14.46 -33.40
C PRO A 119 5.80 -13.14 -33.55
N VAL A 120 6.40 -12.04 -33.13
CA VAL A 120 5.73 -10.73 -33.15
C VAL A 120 5.55 -10.29 -34.60
N PRO A 121 4.35 -9.85 -35.03
CA PRO A 121 4.18 -9.30 -36.37
C PRO A 121 5.08 -8.09 -36.59
N ASN A 122 5.83 -8.07 -37.69
CA ASN A 122 6.75 -7.00 -38.07
C ASN A 122 6.15 -6.03 -39.09
N SER A 123 5.05 -6.44 -39.71
CA SER A 123 4.51 -5.84 -40.92
C SER A 123 3.02 -6.06 -40.96
N ARG A 124 2.25 -5.12 -41.51
CA ARG A 124 0.81 -5.29 -41.72
C ARG A 124 0.49 -6.47 -42.66
N ASP A 125 1.48 -6.96 -43.39
CA ASP A 125 1.40 -8.16 -44.24
C ASP A 125 2.11 -9.40 -43.67
N ASP A 126 2.61 -9.34 -42.44
CA ASP A 126 3.33 -10.46 -41.82
C ASP A 126 2.49 -11.76 -41.73
N TYR A 127 3.09 -12.93 -42.03
CA TYR A 127 2.41 -14.22 -41.84
C TYR A 127 1.90 -14.40 -40.41
N ALA A 128 2.52 -13.74 -39.45
CA ALA A 128 2.07 -13.73 -38.08
C ALA A 128 0.62 -13.25 -37.89
N TRP A 129 -0.02 -12.61 -38.87
CA TRP A 129 -1.46 -12.35 -38.79
C TRP A 129 -2.31 -13.60 -38.86
N GLN A 130 -1.80 -14.67 -39.49
CA GLN A 130 -2.38 -16.00 -39.35
C GLN A 130 -2.29 -16.36 -37.86
N SER A 131 -3.29 -17.05 -37.31
CA SER A 131 -3.31 -17.26 -35.85
C SER A 131 -4.03 -18.54 -35.50
N GLY A 132 -3.37 -19.67 -35.72
CA GLY A 132 -3.95 -20.99 -35.48
C GLY A 132 -4.32 -21.27 -34.02
N THR A 133 -3.74 -20.55 -33.08
CA THR A 133 -3.88 -20.84 -31.65
C THR A 133 -3.77 -19.60 -30.79
N ASN A 134 -3.10 -18.54 -31.27
CA ASN A 134 -3.13 -17.25 -30.62
C ASN A 134 -4.56 -16.71 -30.59
N ALA A 135 -4.97 -16.10 -29.49
CA ALA A 135 -6.25 -15.42 -29.44
C ALA A 135 -6.22 -14.15 -30.30
N SER A 136 -6.75 -14.25 -31.52
CA SER A 136 -6.92 -13.14 -32.43
C SER A 136 -8.39 -12.91 -32.72
N VAL A 137 -8.79 -11.66 -32.84
CA VAL A 137 -10.20 -11.25 -32.87
C VAL A 137 -10.39 -10.05 -33.78
N PHE A 138 -11.58 -9.88 -34.34
CA PHE A 138 -11.83 -8.92 -35.40
C PHE A 138 -12.93 -7.93 -35.08
N TRP A 139 -12.74 -6.72 -35.55
CA TRP A 139 -13.74 -5.68 -35.55
C TRP A 139 -13.80 -4.94 -36.86
N GLN A 140 -14.95 -4.37 -37.18
CA GLN A 140 -15.15 -3.59 -38.38
C GLN A 140 -16.17 -2.50 -38.16
N HIS A 141 -16.14 -1.49 -39.01
CA HIS A 141 -17.10 -0.40 -38.95
C HIS A 141 -18.55 -0.88 -38.82
N GLY A 142 -19.30 -0.27 -37.92
CA GLY A 142 -20.69 -0.63 -37.63
C GLY A 142 -20.87 -1.85 -36.72
N GLN A 143 -19.83 -2.63 -36.43
CA GLN A 143 -19.93 -3.74 -35.48
C GLN A 143 -19.96 -3.24 -34.04
N ALA A 144 -20.67 -3.95 -33.15
CA ALA A 144 -20.67 -3.71 -31.71
C ALA A 144 -19.27 -3.82 -31.08
N TYR A 145 -19.11 -3.31 -29.86
CA TYR A 145 -17.84 -3.37 -29.12
C TYR A 145 -17.43 -4.83 -28.87
N PRO A 146 -16.23 -5.27 -29.30
CA PRO A 146 -15.74 -6.59 -28.98
C PRO A 146 -15.40 -6.70 -27.51
N ARG A 147 -15.49 -7.91 -26.98
CA ARG A 147 -15.10 -8.27 -25.62
C ARG A 147 -14.66 -9.71 -25.59
N PHE A 148 -13.83 -10.06 -24.63
CA PHE A 148 -13.61 -11.44 -24.28
C PHE A 148 -13.27 -11.58 -22.81
N SER A 149 -13.54 -12.77 -22.28
CA SER A 149 -13.10 -13.20 -20.97
C SER A 149 -11.71 -13.80 -21.10
N LEU A 150 -10.75 -13.25 -20.39
CA LEU A 150 -9.41 -13.79 -20.28
C LEU A 150 -9.25 -14.35 -18.87
N PRO A 151 -8.96 -15.65 -18.68
CA PRO A 151 -8.72 -16.21 -17.36
C PRO A 151 -7.44 -15.68 -16.74
N PHE A 152 -7.28 -15.88 -15.44
CA PHE A 152 -6.04 -15.57 -14.73
C PHE A 152 -4.81 -16.27 -15.31
N LEU A 153 -3.78 -15.53 -15.70
CA LEU A 153 -2.71 -16.05 -16.55
C LEU A 153 -1.49 -16.60 -15.83
N SER A 154 -1.15 -16.12 -14.63
CA SER A 154 0.27 -16.17 -14.21
C SER A 154 0.82 -17.58 -14.04
N VAL A 155 2.11 -17.75 -14.29
CA VAL A 155 2.85 -18.96 -13.88
C VAL A 155 2.82 -19.16 -12.37
N ALA A 156 2.66 -18.10 -11.60
CA ALA A 156 2.49 -18.10 -10.16
C ALA A 156 1.00 -18.07 -9.76
N SER A 157 0.71 -18.05 -8.46
CA SER A 157 -0.67 -18.06 -7.93
C SER A 157 -1.46 -16.78 -8.23
N ALA A 158 -0.76 -15.66 -8.28
CA ALA A 158 -1.32 -14.31 -8.38
C ALA A 158 -0.34 -13.40 -9.12
N TYR A 159 -0.82 -12.34 -9.75
CA TYR A 159 0.05 -11.33 -10.32
C TYR A 159 0.78 -10.59 -9.21
N TYR A 160 2.08 -10.44 -9.35
CA TYR A 160 2.85 -9.48 -8.59
C TYR A 160 2.36 -8.07 -8.87
N MET A 161 1.87 -7.37 -7.86
CA MET A 161 1.67 -5.92 -7.99
C MET A 161 2.99 -5.19 -7.81
N PHE A 162 3.92 -5.81 -7.08
CA PHE A 162 5.26 -5.34 -6.81
C PHE A 162 6.19 -6.53 -6.72
N TYR A 163 7.48 -6.31 -6.88
CA TYR A 163 8.49 -7.35 -6.70
C TYR A 163 9.77 -6.72 -6.17
N ASP A 164 10.55 -7.47 -5.41
CA ASP A 164 11.68 -6.94 -4.64
C ASP A 164 13.02 -7.56 -5.04
N GLY A 165 13.34 -7.48 -6.32
CA GLY A 165 14.57 -8.03 -6.81
C GLY A 165 14.56 -8.02 -8.30
N TYR A 166 15.05 -9.09 -8.91
CA TYR A 166 15.44 -9.08 -10.30
C TYR A 166 15.14 -10.40 -11.00
N ASP A 167 15.20 -10.35 -12.33
CA ASP A 167 15.55 -11.53 -13.12
C ASP A 167 17.02 -11.84 -12.78
N GLU A 168 17.36 -13.11 -12.69
CA GLU A 168 18.47 -13.67 -11.91
C GLU A 168 19.88 -13.08 -12.12
N GLN A 169 20.11 -12.38 -13.22
CA GLN A 169 21.35 -11.65 -13.54
C GLN A 169 21.22 -10.13 -13.33
N ASP A 170 20.24 -9.70 -12.55
CA ASP A 170 20.23 -8.47 -11.78
C ASP A 170 20.06 -7.14 -12.54
N GLN A 171 19.02 -7.04 -13.37
CA GLN A 171 18.50 -5.77 -13.92
C GLN A 171 16.97 -5.81 -13.99
N ASN A 172 16.34 -4.70 -14.35
CA ASN A 172 14.89 -4.55 -14.48
C ASN A 172 14.15 -4.63 -13.13
N TYR A 173 14.75 -4.13 -12.04
CA TYR A 173 14.26 -4.34 -10.67
C TYR A 173 12.76 -4.13 -10.52
N GLY A 174 12.07 -5.13 -9.99
CA GLY A 174 10.66 -5.10 -9.68
C GLY A 174 9.76 -5.74 -10.74
N THR A 175 8.58 -5.17 -10.94
CA THR A 175 7.57 -5.84 -11.78
C THR A 175 8.05 -6.11 -13.20
N ALA A 176 9.00 -5.33 -13.72
CA ALA A 176 9.55 -5.57 -15.05
C ALA A 176 10.22 -6.94 -15.17
N ASN A 177 10.58 -7.56 -14.05
CA ASN A 177 10.96 -8.96 -14.01
C ASN A 177 9.73 -9.87 -14.16
N THR A 178 8.85 -9.82 -13.18
CA THR A 178 7.80 -10.83 -12.96
C THR A 178 6.66 -10.76 -13.95
N ASN A 179 6.35 -9.56 -14.46
CA ASN A 179 5.09 -9.27 -15.15
C ASN A 179 5.23 -9.36 -16.68
N ASN A 180 6.03 -10.31 -17.17
CA ASN A 180 6.12 -10.57 -18.60
C ASN A 180 4.88 -11.35 -19.10
N MET A 181 3.77 -10.64 -19.32
CA MET A 181 2.57 -11.14 -19.98
C MET A 181 2.67 -11.16 -21.50
N GLY A 182 3.76 -10.66 -22.09
CA GLY A 182 3.79 -10.32 -23.50
C GLY A 182 2.90 -9.12 -23.80
N SER A 183 2.27 -9.13 -24.97
CA SER A 183 1.72 -7.92 -25.57
C SER A 183 0.38 -8.14 -26.25
N LEU A 184 -0.44 -7.09 -26.31
CA LEU A 184 -1.54 -7.02 -27.25
C LEU A 184 -1.02 -6.46 -28.59
N CYS A 185 -1.73 -6.74 -29.67
CA CYS A 185 -1.40 -6.25 -30.99
C CYS A 185 -2.66 -5.88 -31.76
N SER A 186 -2.55 -4.97 -32.72
CA SER A 186 -3.62 -4.58 -33.63
C SER A 186 -3.11 -4.27 -35.02
N ARG A 187 -3.96 -4.41 -36.05
CA ARG A 187 -3.59 -4.29 -37.46
C ARG A 187 -4.79 -4.20 -38.40
N ILE A 188 -4.76 -3.24 -39.32
CA ILE A 188 -5.83 -3.10 -40.31
C ILE A 188 -5.86 -4.29 -41.27
N VAL A 189 -7.03 -4.87 -41.43
CA VAL A 189 -7.28 -6.12 -42.16
C VAL A 189 -7.76 -5.85 -43.57
N THR A 190 -8.59 -4.83 -43.76
CA THR A 190 -8.86 -4.32 -45.10
C THR A 190 -7.54 -4.03 -45.82
N GLU A 191 -7.48 -4.33 -47.10
CA GLU A 191 -6.31 -4.08 -47.95
C GLU A 191 -6.17 -2.58 -48.27
N LYS A 192 -5.09 -2.19 -48.93
CA LYS A 192 -4.80 -0.82 -49.32
C LYS A 192 -6.02 -0.13 -49.93
N HIS A 193 -6.32 1.07 -49.47
CA HIS A 193 -7.49 1.86 -49.88
C HIS A 193 -7.19 3.35 -49.71
N ILE A 194 -7.97 4.21 -50.36
CA ILE A 194 -7.60 5.62 -50.50
C ILE A 194 -7.80 6.48 -49.23
N HIS A 195 -8.53 6.01 -48.23
CA HIS A 195 -8.90 6.87 -47.11
C HIS A 195 -7.80 6.96 -46.06
N LYS A 196 -7.14 8.12 -45.96
CA LYS A 196 -6.31 8.47 -44.81
C LYS A 196 -7.17 8.49 -43.54
N VAL A 197 -6.86 7.62 -42.58
CA VAL A 197 -7.62 7.48 -41.33
C VAL A 197 -6.71 7.19 -40.15
N HIS A 198 -7.15 7.62 -38.97
CA HIS A 198 -6.60 7.17 -37.71
C HIS A 198 -7.56 6.17 -37.11
N ILE A 199 -7.02 5.09 -36.58
CA ILE A 199 -7.79 4.19 -35.74
C ILE A 199 -7.28 4.37 -34.34
N MET A 200 -8.20 4.53 -33.41
CA MET A 200 -7.89 4.54 -32.00
C MET A 200 -8.73 3.48 -31.31
N THR A 201 -8.10 2.58 -30.57
CA THR A 201 -8.82 1.67 -29.68
C THR A 201 -8.53 2.07 -28.26
N ARG A 202 -9.57 2.43 -27.51
CA ARG A 202 -9.47 2.40 -26.05
C ARG A 202 -9.76 0.99 -25.60
N ILE A 203 -8.88 0.42 -24.80
CA ILE A 203 -9.01 -0.94 -24.29
C ILE A 203 -9.32 -0.89 -22.82
N TYR A 204 -10.30 -1.66 -22.38
CA TYR A 204 -10.84 -1.65 -21.04
C TYR A 204 -10.74 -3.02 -20.42
N HIS A 205 -10.67 -3.06 -19.10
CA HIS A 205 -10.77 -4.29 -18.36
C HIS A 205 -11.38 -4.11 -16.99
N LYS A 206 -12.08 -5.16 -16.57
CA LYS A 206 -12.60 -5.39 -15.23
C LYS A 206 -12.08 -6.73 -14.74
N ALA A 207 -11.51 -6.72 -13.55
CA ALA A 207 -11.16 -7.94 -12.86
C ALA A 207 -12.40 -8.48 -12.15
N LYS A 208 -12.78 -9.72 -12.41
CA LYS A 208 -13.80 -10.44 -11.65
C LYS A 208 -13.41 -11.89 -11.41
N HIS A 209 -14.16 -12.54 -10.54
CA HIS A 209 -13.67 -13.66 -9.76
C HIS A 209 -12.37 -13.33 -9.03
N VAL A 210 -12.33 -12.14 -8.42
CA VAL A 210 -11.09 -11.58 -7.88
C VAL A 210 -10.71 -12.19 -6.53
N LYS A 211 -9.41 -12.18 -6.24
CA LYS A 211 -8.79 -12.38 -4.93
C LYS A 211 -7.57 -11.48 -4.82
N ALA A 212 -7.24 -11.04 -3.61
CA ALA A 212 -6.16 -10.09 -3.38
C ALA A 212 -5.39 -10.43 -2.11
N TRP A 213 -4.18 -9.89 -2.02
CA TRP A 213 -3.19 -10.38 -1.08
C TRP A 213 -2.46 -9.25 -0.43
N CYS A 214 -2.55 -9.20 0.89
CA CYS A 214 -1.94 -8.23 1.78
C CYS A 214 -2.02 -6.79 1.26
N PRO A 215 -2.97 -5.97 1.76
CA PRO A 215 -3.10 -4.61 1.31
C PRO A 215 -1.82 -3.81 1.58
N ARG A 216 -1.56 -2.80 0.76
CA ARG A 216 -0.41 -1.89 0.87
C ARG A 216 -0.84 -0.45 0.56
N PRO A 217 -0.15 0.58 1.06
CA PRO A 217 -0.68 1.93 1.08
C PRO A 217 -0.87 2.50 -0.33
N PRO A 218 -1.84 3.39 -0.54
CA PRO A 218 -2.13 3.96 -1.85
C PRO A 218 -1.01 4.86 -2.36
N ARG A 219 -0.92 5.01 -3.68
CA ARG A 219 0.02 5.93 -4.33
C ARG A 219 -0.31 7.36 -3.95
N ALA A 220 0.68 8.10 -3.45
CA ALA A 220 0.52 9.46 -2.97
C ALA A 220 0.68 10.56 -4.03
N LEU A 221 1.33 10.24 -5.15
CA LEU A 221 1.80 11.23 -6.12
C LEU A 221 1.71 10.68 -7.55
N GLU A 222 1.68 11.56 -8.56
CA GLU A 222 1.71 11.22 -9.98
C GLU A 222 2.61 10.02 -10.31
N TYR A 223 2.18 9.18 -11.24
CA TYR A 223 3.01 8.12 -11.80
C TYR A 223 4.09 8.64 -12.74
N THR A 224 4.99 7.75 -13.15
CA THR A 224 6.22 8.18 -13.87
C THR A 224 6.77 7.15 -14.83
N ARG A 225 6.76 5.85 -14.48
CA ARG A 225 7.64 4.89 -15.14
C ARG A 225 7.13 3.45 -15.14
N ALA A 226 5.83 3.28 -15.43
CA ALA A 226 5.12 1.99 -15.52
C ALA A 226 5.55 0.97 -14.46
N HIS A 227 6.38 -0.01 -14.81
CA HIS A 227 6.85 -1.03 -13.87
C HIS A 227 7.46 -0.48 -12.59
N ARG A 228 8.20 0.62 -12.71
CA ARG A 228 9.01 1.16 -11.62
C ARG A 228 8.15 2.08 -10.76
N THR A 229 8.38 2.08 -9.46
CA THR A 229 7.66 2.93 -8.49
C THR A 229 8.18 4.36 -8.44
N ASN A 230 9.09 4.73 -9.34
CA ASN A 230 9.68 6.07 -9.42
C ASN A 230 8.59 7.16 -9.34
N PHE A 231 8.91 8.26 -8.66
CA PHE A 231 7.96 9.35 -8.40
C PHE A 231 8.61 10.72 -8.35
N LYS A 232 9.90 10.79 -8.04
CA LYS A 232 10.67 12.03 -8.08
C LYS A 232 10.84 12.42 -9.56
N ILE A 233 9.94 13.22 -10.10
CA ILE A 233 9.93 13.64 -11.51
C ILE A 233 11.02 14.69 -11.79
N GLU A 234 11.47 14.79 -13.03
CA GLU A 234 12.54 15.70 -13.43
C GLU A 234 12.12 17.18 -13.38
N ASP A 235 12.98 18.05 -12.87
CA ASP A 235 12.75 19.51 -12.74
C ASP A 235 11.44 19.86 -12.00
N ARG A 236 11.05 18.99 -11.07
CA ARG A 236 9.78 19.01 -10.34
C ARG A 236 9.99 18.70 -8.86
N SER A 237 8.95 18.89 -8.07
CA SER A 237 8.94 18.70 -6.62
C SER A 237 7.71 17.90 -6.15
N ILE A 238 7.78 17.33 -4.97
CA ILE A 238 6.89 16.27 -4.46
C ILE A 238 5.59 16.81 -3.85
N GLN A 239 4.79 17.49 -4.66
CA GLN A 239 3.50 18.07 -4.28
C GLN A 239 2.41 17.00 -4.13
N THR A 240 2.41 16.29 -2.99
CA THR A 240 1.46 15.20 -2.70
C THR A 240 0.00 15.67 -2.59
N ALA A 241 -0.91 14.72 -2.42
CA ALA A 241 -2.31 14.98 -2.11
C ALA A 241 -2.56 15.72 -0.78
N ILE A 242 -1.60 15.79 0.15
CA ILE A 242 -1.78 16.56 1.39
C ILE A 242 -1.79 18.05 1.07
N VAL A 243 -2.74 18.82 1.63
CA VAL A 243 -2.78 20.29 1.49
C VAL A 243 -2.55 20.95 2.85
N THR A 244 -1.72 21.98 2.90
CA THR A 244 -1.39 22.71 4.14
C THR A 244 -2.47 23.69 4.57
N ARG A 245 -2.43 24.07 5.85
CA ARG A 245 -3.27 25.13 6.43
C ARG A 245 -2.45 26.10 7.28
N PRO A 246 -2.95 27.31 7.57
CA PRO A 246 -2.17 28.32 8.29
C PRO A 246 -1.84 27.96 9.73
N ILE A 247 -2.78 27.37 10.47
CA ILE A 247 -2.54 26.94 11.85
C ILE A 247 -3.36 25.71 12.24
N ILE A 248 -2.79 24.84 13.04
CA ILE A 248 -3.35 23.52 13.37
C ILE A 248 -4.51 23.60 14.39
N THR A 249 -4.68 24.74 15.04
CA THR A 249 -5.84 25.11 15.87
C THR A 249 -7.03 25.67 15.07
N THR A 250 -6.91 25.81 13.75
CA THR A 250 -7.99 26.24 12.85
C THR A 250 -8.34 25.11 11.90
N ALA A 251 -9.61 24.69 11.84
CA ALA A 251 -10.03 23.59 10.99
C ALA A 251 -9.98 23.91 9.48
N ARG B 1 3.35 -7.02 31.22
CA ARG B 1 3.86 -6.88 29.84
C ARG B 1 5.27 -7.47 29.70
N ILE B 2 5.41 -8.79 29.81
CA ILE B 2 6.69 -9.52 29.78
C ILE B 2 6.62 -10.73 28.85
N ILE B 3 7.71 -11.04 28.13
CA ILE B 3 7.80 -12.18 27.22
C ILE B 3 9.15 -12.85 27.31
N GLN B 4 9.20 -14.16 27.07
CA GLN B 4 10.42 -14.83 26.65
C GLN B 4 10.19 -15.64 25.38
N ILE B 5 11.27 -15.78 24.63
CA ILE B 5 11.31 -16.22 23.24
C ILE B 5 12.39 -17.28 23.13
N THR B 6 12.18 -18.35 22.38
CA THR B 6 13.16 -19.43 22.25
C THR B 6 13.07 -20.05 20.87
N ARG B 7 14.13 -19.90 20.08
CA ARG B 7 14.20 -20.50 18.74
C ARG B 7 15.56 -21.12 18.50
N GLY B 8 15.53 -22.37 18.04
CA GLY B 8 16.61 -23.21 17.55
C GLY B 8 17.73 -23.52 18.53
N ASP B 9 18.27 -22.51 19.20
CA ASP B 9 19.20 -22.64 20.29
C ASP B 9 19.25 -21.40 21.19
N SER B 10 18.50 -20.35 20.88
CA SER B 10 18.79 -19.02 21.40
C SER B 10 17.53 -18.29 21.81
N THR B 11 17.67 -17.43 22.81
CA THR B 11 16.53 -16.90 23.56
C THR B 11 16.60 -15.41 23.81
N ILE B 12 15.43 -14.83 23.93
CA ILE B 12 15.26 -13.39 23.87
C ILE B 12 14.18 -13.04 24.88
N THR B 13 14.22 -11.84 25.43
CA THR B 13 13.15 -11.37 26.30
C THR B 13 13.01 -9.87 26.23
N SER B 14 11.81 -9.38 26.53
CA SER B 14 11.66 -8.06 27.10
C SER B 14 10.68 -8.17 28.23
N GLN B 15 10.96 -7.42 29.28
CA GLN B 15 10.10 -7.23 30.42
C GLN B 15 9.43 -5.85 30.44
N ASP B 16 9.46 -5.16 29.29
CA ASP B 16 8.63 -4.01 29.00
C ASP B 16 8.29 -4.00 27.51
N VAL B 17 7.41 -4.93 27.12
CA VAL B 17 6.91 -5.05 25.75
C VAL B 17 5.46 -5.54 25.74
N ALA B 18 4.70 -5.15 24.73
CA ALA B 18 3.39 -5.69 24.43
C ALA B 18 3.53 -6.68 23.28
N ASN B 19 2.93 -7.86 23.40
CA ASN B 19 3.18 -8.99 22.50
C ASN B 19 3.06 -8.62 21.02
N ALA B 20 3.81 -9.31 20.17
CA ALA B 20 3.64 -9.16 18.74
C ALA B 20 2.22 -9.54 18.34
N ILE B 21 1.62 -8.77 17.44
CA ILE B 21 0.61 -9.35 16.56
C ILE B 21 1.36 -10.31 15.64
N VAL B 22 0.88 -11.54 15.51
CA VAL B 22 1.37 -12.44 14.46
C VAL B 22 0.88 -11.91 13.12
N ALA B 23 1.74 -11.78 12.12
CA ALA B 23 1.34 -11.25 10.82
C ALA B 23 0.14 -12.03 10.26
N TYR B 24 -0.97 -11.34 10.04
CA TYR B 24 -2.23 -11.92 9.55
C TYR B 24 -2.74 -13.09 10.39
N GLY B 25 -2.26 -13.24 11.62
CA GLY B 25 -2.56 -14.36 12.51
C GLY B 25 -1.99 -15.72 12.08
N VAL B 26 -1.23 -15.82 11.00
CA VAL B 26 -0.75 -17.11 10.51
C VAL B 26 0.58 -17.47 11.15
N TRP B 27 0.55 -18.35 12.14
CA TRP B 27 1.76 -18.83 12.81
C TRP B 27 2.65 -19.57 11.80
N PRO B 28 3.98 -19.38 11.79
CA PRO B 28 4.80 -19.90 10.71
C PRO B 28 4.73 -21.43 10.58
N HIS B 29 4.88 -21.93 9.36
CA HIS B 29 4.80 -23.36 9.05
C HIS B 29 5.60 -23.71 7.79
N TYR B 30 5.97 -24.98 7.65
CA TYR B 30 6.58 -25.50 6.42
C TYR B 30 5.59 -25.49 5.24
N LEU B 31 6.11 -25.67 4.02
CA LEU B 31 5.27 -25.86 2.83
C LEU B 31 4.33 -27.06 2.99
N SER B 32 3.29 -27.11 2.17
CA SER B 32 2.38 -28.25 2.10
C SER B 32 2.58 -29.03 0.82
N SER B 33 2.47 -30.35 0.91
CA SER B 33 2.28 -31.24 -0.24
C SER B 33 1.14 -30.79 -1.16
N LYS B 34 0.12 -30.10 -0.64
CA LYS B 34 -1.00 -29.58 -1.44
C LYS B 34 -0.63 -28.38 -2.31
N ASP B 35 0.38 -27.61 -1.92
CA ASP B 35 0.69 -26.32 -2.57
C ASP B 35 2.06 -26.27 -3.22
N ALA B 36 2.97 -27.19 -2.91
CA ALA B 36 4.36 -27.14 -3.32
C ALA B 36 4.59 -27.13 -4.85
N SER B 37 5.72 -26.60 -5.29
CA SER B 37 6.21 -26.68 -6.68
C SER B 37 7.44 -27.57 -6.78
N ALA B 38 8.43 -27.40 -5.90
CA ALA B 38 9.68 -28.14 -5.94
C ALA B 38 9.50 -29.64 -5.63
N ILE B 39 10.26 -30.48 -6.33
CA ILE B 39 10.09 -31.93 -6.31
C ILE B 39 10.82 -32.65 -5.15
N ASP B 40 12.00 -32.18 -4.73
CA ASP B 40 12.77 -32.92 -3.72
C ASP B 40 12.12 -32.87 -2.33
N LYS B 41 12.57 -33.74 -1.42
CA LYS B 41 12.43 -33.47 0.01
C LYS B 41 13.44 -32.38 0.38
N PRO B 42 13.00 -31.18 0.77
CA PRO B 42 13.88 -30.02 0.92
C PRO B 42 14.70 -30.01 2.22
N SER B 43 15.68 -29.11 2.29
CA SER B 43 16.65 -28.99 3.39
C SER B 43 16.04 -28.34 4.64
N GLN B 44 15.85 -29.10 5.71
CA GLN B 44 15.42 -28.59 7.02
C GLN B 44 16.57 -28.46 8.03
N PRO B 45 17.37 -27.39 8.03
CA PRO B 45 18.39 -27.19 9.07
C PRO B 45 17.81 -27.03 10.47
N ASP B 46 16.51 -26.77 10.59
CA ASP B 46 15.77 -26.78 11.85
C ASP B 46 16.50 -25.93 12.90
N THR B 47 16.81 -26.47 14.07
CA THR B 47 17.44 -25.78 15.19
C THR B 47 18.71 -25.05 14.81
N SER B 48 19.51 -25.61 13.91
CA SER B 48 20.78 -25.01 13.53
C SER B 48 20.64 -23.75 12.69
N SER B 49 19.41 -23.37 12.30
CA SER B 49 19.21 -22.13 11.54
C SER B 49 17.90 -21.40 11.81
N ASN B 50 16.87 -22.07 12.28
CA ASN B 50 15.67 -21.44 12.82
C ASN B 50 15.97 -21.05 14.26
N ARG B 51 16.98 -20.21 14.38
CA ARG B 51 17.57 -19.66 15.59
C ARG B 51 17.96 -18.23 15.34
N PHE B 52 18.20 -17.45 16.39
CA PHE B 52 18.44 -16.04 16.23
C PHE B 52 19.83 -15.71 15.68
N TYR B 53 19.88 -14.57 15.02
CA TYR B 53 21.06 -13.89 14.52
C TYR B 53 20.76 -12.40 14.56
N THR B 54 21.77 -11.54 14.66
CA THR B 54 21.50 -10.12 14.90
C THR B 54 22.43 -9.21 14.11
N LEU B 55 21.97 -8.00 13.83
CA LEU B 55 22.67 -7.08 12.92
C LEU B 55 23.62 -6.17 13.69
N ARG B 56 24.64 -5.63 13.00
CA ARG B 56 25.52 -4.58 13.53
C ARG B 56 24.72 -3.43 14.14
N SER B 57 25.28 -2.78 15.15
CA SER B 57 24.64 -1.63 15.79
C SER B 57 24.49 -0.47 14.82
N VAL B 58 23.23 -0.08 14.56
CA VAL B 58 22.93 1.31 14.18
C VAL B 58 22.79 2.13 15.46
N THR B 59 22.83 3.45 15.35
CA THR B 59 22.52 4.33 16.48
C THR B 59 21.83 5.57 16.00
N TRP B 60 21.01 6.18 16.85
CA TRP B 60 20.15 7.26 16.43
C TRP B 60 20.12 8.43 17.41
N SER B 61 19.67 9.53 16.84
CA SER B 61 19.75 10.91 17.29
C SER B 61 18.49 11.62 16.86
N SER B 62 18.21 12.77 17.44
CA SER B 62 17.17 13.68 16.94
C SER B 62 17.33 13.97 15.43
N SER B 63 18.56 14.07 14.93
CA SER B 63 18.86 14.35 13.52
C SER B 63 18.67 13.14 12.58
N SER B 64 18.55 11.93 13.11
CA SER B 64 18.45 10.70 12.32
C SER B 64 17.14 10.61 11.52
N LYS B 65 17.15 9.91 10.38
CA LYS B 65 16.01 9.90 9.44
C LYS B 65 15.34 8.54 9.17
N GLY B 66 16.01 7.42 9.39
CA GLY B 66 15.39 6.11 9.11
C GLY B 66 16.36 4.99 8.77
N TRP B 67 15.87 3.75 8.81
CA TRP B 67 16.64 2.56 8.49
C TRP B 67 15.75 1.45 7.93
N TRP B 68 16.27 0.58 7.08
CA TRP B 68 15.55 -0.59 6.62
C TRP B 68 16.47 -1.70 6.10
N TRP B 69 15.88 -2.88 5.92
CA TRP B 69 16.53 -4.08 5.41
C TRP B 69 15.59 -4.89 4.52
N LYS B 70 16.17 -5.74 3.68
CA LYS B 70 15.43 -6.60 2.76
C LYS B 70 15.90 -8.03 2.94
N LEU B 71 14.96 -8.96 3.02
CA LEU B 71 15.18 -10.30 3.53
C LEU B 71 14.80 -11.28 2.45
N PRO B 72 15.58 -12.36 2.26
CA PRO B 72 16.61 -12.83 3.18
C PRO B 72 17.97 -12.13 3.08
N ASP B 73 18.19 -11.21 2.15
CA ASP B 73 19.53 -10.68 1.89
C ASP B 73 20.23 -10.13 3.13
N ALA B 74 19.47 -9.46 3.99
CA ALA B 74 19.95 -8.93 5.25
C ALA B 74 20.56 -9.97 6.19
N LEU B 75 20.38 -11.25 5.90
CA LEU B 75 20.83 -12.37 6.69
C LEU B 75 21.76 -13.30 5.91
N LYS B 76 22.23 -12.89 4.73
CA LYS B 76 23.09 -13.70 3.87
C LYS B 76 24.36 -14.23 4.56
N ASP B 77 24.80 -13.55 5.63
CA ASP B 77 26.03 -13.88 6.35
C ASP B 77 25.78 -14.65 7.66
N MET B 78 24.54 -15.08 7.92
CA MET B 78 24.16 -15.73 9.18
C MET B 78 24.45 -17.21 9.21
N GLY B 79 25.72 -17.54 9.02
CA GLY B 79 26.24 -18.90 9.00
C GLY B 79 25.34 -19.84 8.23
N ILE B 80 24.85 -20.87 8.92
CA ILE B 80 24.00 -21.91 8.35
C ILE B 80 22.93 -21.33 7.48
N PHE B 81 22.20 -20.31 7.95
CA PHE B 81 21.15 -19.71 7.14
C PHE B 81 21.70 -19.14 5.83
N GLY B 82 22.75 -18.36 5.96
CA GLY B 82 23.40 -17.68 4.87
C GLY B 82 23.91 -18.64 3.81
N GLU B 83 24.77 -19.58 4.17
CA GLU B 83 25.24 -20.52 3.16
C GLU B 83 24.11 -21.40 2.65
N ASN B 84 23.21 -21.92 3.49
CA ASN B 84 22.16 -22.79 2.98
C ASN B 84 21.31 -22.06 1.94
N MET B 85 21.06 -20.78 2.19
CA MET B 85 20.52 -19.88 1.18
C MET B 85 21.41 -19.85 -0.08
N PHE B 86 22.67 -19.45 0.03
CA PHE B 86 23.52 -19.29 -1.15
C PHE B 86 23.75 -20.58 -1.96
N TYR B 87 23.67 -21.76 -1.36
CA TYR B 87 23.93 -23.02 -2.07
C TYR B 87 22.71 -23.60 -2.77
N HIS B 88 21.52 -23.05 -2.55
CA HIS B 88 20.31 -23.49 -3.22
C HIS B 88 19.80 -22.45 -4.20
N TYR B 89 19.24 -22.90 -5.32
CA TYR B 89 18.53 -21.98 -6.20
C TYR B 89 17.27 -21.41 -5.54
N LEU B 90 16.55 -22.21 -4.74
CA LEU B 90 15.33 -21.80 -4.07
C LEU B 90 15.35 -22.08 -2.58
N GLY B 91 14.50 -21.37 -1.87
CA GLY B 91 14.08 -21.71 -0.52
C GLY B 91 12.84 -20.95 -0.11
N ARG B 92 12.48 -21.05 1.16
CA ARG B 92 11.47 -20.20 1.81
C ARG B 92 11.72 -20.14 3.30
N SER B 93 11.37 -19.02 3.94
CA SER B 93 11.36 -18.91 5.39
C SER B 93 10.51 -17.72 5.84
N GLY B 94 9.78 -17.89 6.94
CA GLY B 94 9.25 -16.76 7.70
C GLY B 94 10.31 -16.22 8.66
N TYR B 95 9.92 -15.34 9.58
CA TYR B 95 10.83 -14.74 10.53
C TYR B 95 10.15 -14.40 11.85
N THR B 96 10.89 -14.50 12.96
CA THR B 96 10.57 -13.78 14.20
C THR B 96 11.59 -12.66 14.33
N ILE B 97 11.14 -11.43 14.54
CA ILE B 97 12.00 -10.26 14.66
C ILE B 97 11.68 -9.53 15.95
N HIS B 98 12.72 -9.14 16.67
CA HIS B 98 12.62 -8.25 17.82
C HIS B 98 13.67 -7.16 17.63
N VAL B 99 13.28 -5.92 17.89
CA VAL B 99 14.15 -4.74 17.84
C VAL B 99 14.44 -4.24 19.26
N GLN B 100 15.70 -4.01 19.56
CA GLN B 100 16.19 -3.70 20.90
C GLN B 100 16.60 -2.25 21.03
N CYS B 101 15.94 -1.54 21.95
CA CYS B 101 15.84 -0.09 21.88
C CYS B 101 15.57 0.54 23.26
N ASN B 102 16.12 0.00 24.34
CA ASN B 102 15.85 0.56 25.67
C ASN B 102 16.44 1.97 25.82
N ALA B 103 15.74 2.80 26.57
CA ALA B 103 16.18 4.12 27.00
C ALA B 103 15.98 4.25 28.51
N SER B 104 16.21 5.42 29.09
CA SER B 104 15.79 5.64 30.49
C SER B 104 14.32 6.05 30.55
N LYS B 105 13.75 6.07 31.76
CA LYS B 105 12.44 6.70 32.06
C LYS B 105 12.39 8.18 31.67
N PHE B 106 13.54 8.76 31.39
CA PHE B 106 13.84 10.17 31.17
C PHE B 106 14.16 10.51 29.71
N HIS B 107 13.71 9.68 28.76
CA HIS B 107 13.82 9.93 27.32
C HIS B 107 12.44 10.03 26.67
N GLN B 108 12.36 10.73 25.55
CA GLN B 108 11.19 10.73 24.68
C GLN B 108 11.60 10.70 23.21
N GLY B 109 10.61 10.45 22.35
CA GLY B 109 10.82 9.98 20.98
C GLY B 109 10.08 8.66 20.76
N THR B 110 9.91 8.26 19.51
CA THR B 110 9.23 7.02 19.14
C THR B 110 9.67 6.62 17.75
N LEU B 111 9.78 5.33 17.52
CA LEU B 111 10.02 4.76 16.20
C LEU B 111 8.80 3.95 15.80
N ILE B 112 8.42 3.96 14.53
CA ILE B 112 7.55 2.92 14.02
C ILE B 112 8.42 1.86 13.39
N VAL B 113 8.15 0.60 13.71
CA VAL B 113 8.67 -0.55 12.97
C VAL B 113 7.54 -1.13 12.13
N ALA B 114 7.80 -1.31 10.84
CA ALA B 114 6.91 -1.98 9.92
C ALA B 114 7.65 -3.14 9.27
N LEU B 115 7.12 -4.35 9.44
CA LEU B 115 7.38 -5.41 8.48
C LEU B 115 6.69 -4.99 7.18
N ILE B 116 7.31 -5.20 6.04
CA ILE B 116 6.75 -4.77 4.77
C ILE B 116 7.08 -5.77 3.66
N PRO B 117 6.15 -6.04 2.73
CA PRO B 117 6.37 -6.94 1.61
C PRO B 117 7.40 -6.46 0.58
N GLU B 118 7.11 -6.58 -0.71
CA GLU B 118 8.09 -6.42 -1.78
C GLU B 118 8.63 -5.00 -1.86
N HIS B 119 7.87 -4.04 -1.34
CA HIS B 119 8.38 -2.74 -0.95
C HIS B 119 9.28 -2.12 -2.01
N GLN B 120 8.75 -2.09 -3.22
CA GLN B 120 9.55 -1.94 -4.42
C GLN B 120 10.07 -0.52 -4.49
N ILE B 121 11.32 -0.35 -4.13
CA ILE B 121 11.82 0.99 -3.82
C ILE B 121 11.95 1.81 -5.09
N ALA B 122 11.60 3.09 -5.02
CA ALA B 122 11.77 4.05 -6.11
C ALA B 122 13.23 4.52 -6.23
N SER B 123 13.66 4.91 -7.43
CA SER B 123 14.97 5.53 -7.65
C SER B 123 15.13 6.86 -6.90
N ALA B 124 16.36 7.28 -6.64
CA ALA B 124 16.63 8.65 -6.23
C ALA B 124 16.38 9.63 -7.39
N LEU B 125 17.07 9.42 -8.50
CA LEU B 125 16.97 10.30 -9.66
C LEU B 125 15.64 10.09 -10.40
N HIS B 126 15.21 11.09 -11.15
CA HIS B 126 14.09 11.01 -12.11
C HIS B 126 14.41 10.15 -13.34
N GLY B 127 13.38 9.89 -14.15
CA GLY B 127 13.55 9.45 -15.54
C GLY B 127 13.80 7.95 -15.71
N ASN B 128 14.48 7.59 -16.79
CA ASN B 128 14.74 6.19 -17.16
C ASN B 128 15.85 5.56 -16.31
N VAL B 129 15.54 5.28 -15.06
CA VAL B 129 16.45 4.71 -14.08
C VAL B 129 15.76 3.68 -13.20
N ASN B 130 16.54 2.83 -12.54
CA ASN B 130 16.05 1.81 -11.61
C ASN B 130 17.14 1.49 -10.57
N VAL B 131 16.79 0.85 -9.47
CA VAL B 131 17.74 0.61 -8.37
C VAL B 131 18.74 -0.50 -8.71
N GLY B 132 20.02 -0.26 -8.45
CA GLY B 132 21.11 -1.22 -8.63
C GLY B 132 21.23 -2.26 -7.51
N TYR B 133 21.67 -3.46 -7.85
CA TYR B 133 21.65 -4.63 -6.97
C TYR B 133 22.37 -4.39 -5.63
N ASN B 134 23.50 -3.69 -5.68
CA ASN B 134 24.30 -3.39 -4.50
C ASN B 134 23.49 -2.70 -3.39
N TYR B 135 22.47 -1.96 -3.77
CA TYR B 135 21.70 -1.12 -2.87
C TYR B 135 20.40 -1.81 -2.48
N THR B 136 19.74 -2.50 -3.42
CA THR B 136 18.58 -3.33 -3.06
C THR B 136 18.96 -4.46 -2.15
N HIS B 137 20.19 -4.92 -2.26
CA HIS B 137 20.76 -5.99 -1.48
C HIS B 137 21.94 -5.43 -0.68
N PRO B 138 21.68 -4.61 0.34
CA PRO B 138 22.71 -4.01 1.17
C PRO B 138 23.33 -5.03 2.15
N GLY B 139 22.87 -6.28 2.15
CA GLY B 139 23.21 -7.27 3.16
C GLY B 139 22.79 -6.84 4.56
N GLU B 140 23.36 -7.50 5.56
CA GLU B 140 23.19 -7.13 6.96
C GLU B 140 23.57 -5.67 7.23
N THR B 141 24.46 -5.09 6.41
CA THR B 141 24.86 -3.68 6.50
C THR B 141 23.68 -2.72 6.40
N GLY B 142 22.60 -3.13 5.73
CA GLY B 142 21.33 -2.39 5.69
C GLY B 142 21.39 -1.03 5.02
N ARG B 143 20.25 -0.32 5.00
CA ARG B 143 20.20 1.07 4.55
C ARG B 143 19.64 1.96 5.63
N GLU B 144 20.54 2.60 6.35
CA GLU B 144 20.26 3.86 7.02
C GLU B 144 20.01 4.95 5.97
N VAL B 145 19.24 5.95 6.33
CA VAL B 145 18.88 7.10 5.50
C VAL B 145 19.74 8.30 5.87
N LYS B 146 20.38 8.95 4.90
CA LYS B 146 21.30 10.09 5.13
C LYS B 146 21.09 11.25 4.17
N ALA B 147 21.55 12.42 4.59
CA ALA B 147 21.28 13.67 3.90
C ALA B 147 22.06 13.84 2.59
N GLU B 148 23.17 13.14 2.38
CA GLU B 148 24.19 13.58 1.42
C GLU B 148 24.92 12.48 0.64
N THR B 149 25.31 12.87 -0.59
CA THR B 149 26.47 12.37 -1.39
C THR B 149 26.64 10.86 -1.60
N ARG B 150 25.56 10.08 -1.51
CA ARG B 150 25.59 8.66 -1.89
C ARG B 150 25.92 8.57 -3.39
N LEU B 151 27.05 7.96 -3.74
CA LEU B 151 27.51 7.87 -5.12
C LEU B 151 26.63 6.94 -5.97
N ASN B 152 26.88 6.92 -7.29
CA ASN B 152 26.07 6.17 -8.27
C ASN B 152 24.56 6.49 -8.19
N PRO B 153 24.19 7.78 -8.01
CA PRO B 153 22.87 8.19 -7.52
C PRO B 153 21.73 7.74 -8.43
N ASP B 154 22.02 7.68 -9.72
CA ASP B 154 21.18 7.15 -10.77
C ASP B 154 20.69 5.73 -10.49
N LEU B 155 21.50 4.92 -9.82
CA LEU B 155 21.13 3.58 -9.41
C LEU B 155 20.78 3.51 -7.92
N GLN B 156 20.93 4.58 -7.15
CA GLN B 156 20.50 4.60 -5.76
C GLN B 156 18.98 4.59 -5.65
N PRO B 157 18.41 3.98 -4.61
CA PRO B 157 17.03 4.24 -4.23
C PRO B 157 16.89 5.67 -3.70
N THR B 158 15.67 6.19 -3.68
CA THR B 158 15.36 7.45 -2.99
C THR B 158 15.61 7.36 -1.48
N GLU B 159 15.95 8.49 -0.86
CA GLU B 159 16.02 8.62 0.59
C GLU B 159 14.67 9.02 1.22
N GLU B 160 13.59 9.18 0.43
CA GLU B 160 12.37 9.84 0.92
C GLU B 160 11.46 8.98 1.78
N TYR B 161 11.85 8.85 3.03
CA TYR B 161 11.25 8.02 4.07
C TYR B 161 9.77 8.27 4.32
N TRP B 162 9.33 9.51 4.41
CA TRP B 162 7.93 9.84 4.65
C TRP B 162 7.05 9.59 3.43
N LEU B 163 7.67 9.40 2.26
CA LEU B 163 7.02 8.83 1.08
C LEU B 163 7.29 7.33 0.93
N ASN B 164 7.64 6.67 2.04
CA ASN B 164 7.94 5.25 2.18
C ASN B 164 8.95 4.75 1.15
N PHE B 165 9.80 5.65 0.65
CA PHE B 165 10.72 5.39 -0.45
C PHE B 165 10.09 4.85 -1.75
N ASP B 166 8.77 4.95 -1.93
CA ASP B 166 8.09 4.44 -3.12
C ASP B 166 6.96 5.35 -3.64
N GLY B 167 6.75 6.51 -3.00
CA GLY B 167 5.72 7.45 -3.37
C GLY B 167 4.37 7.11 -2.76
N THR B 168 4.35 6.51 -1.58
CA THR B 168 3.13 6.25 -0.79
C THR B 168 3.25 6.95 0.55
N LEU B 169 2.14 7.40 1.13
CA LEU B 169 2.22 8.17 2.37
C LEU B 169 2.59 7.28 3.54
N LEU B 170 3.54 7.74 4.33
CA LEU B 170 3.77 7.22 5.68
C LEU B 170 2.49 7.37 6.54
N GLY B 171 2.43 6.81 7.73
CA GLY B 171 1.26 6.93 8.61
C GLY B 171 0.05 6.07 8.23
N ASN B 172 -0.15 5.88 6.93
CA ASN B 172 -0.88 4.75 6.39
C ASN B 172 -0.05 3.46 6.40
N ILE B 173 1.25 3.54 6.69
CA ILE B 173 2.15 2.38 6.72
C ILE B 173 1.68 1.30 7.70
N THR B 174 0.92 1.68 8.72
CA THR B 174 0.26 0.78 9.65
C THR B 174 -0.71 -0.20 8.99
N ILE B 175 -0.97 -0.07 7.70
CA ILE B 175 -1.61 -1.11 6.90
C ILE B 175 -0.87 -2.44 7.01
N PHE B 176 0.46 -2.44 7.07
CA PHE B 176 1.22 -3.66 7.30
C PHE B 176 1.19 -4.05 8.78
N PRO B 177 1.53 -5.31 9.11
CA PRO B 177 1.90 -5.66 10.46
C PRO B 177 3.06 -4.77 10.96
N HIS B 178 2.89 -4.16 12.13
CA HIS B 178 3.77 -3.10 12.62
C HIS B 178 3.74 -3.02 14.15
N GLN B 179 4.67 -2.31 14.74
CA GLN B 179 4.65 -1.93 16.16
C GLN B 179 5.29 -0.54 16.32
N PHE B 180 5.14 0.07 17.49
CA PHE B 180 5.93 1.27 17.83
C PHE B 180 6.92 0.94 18.94
N ILE B 181 8.19 1.28 18.77
CA ILE B 181 8.99 1.58 19.95
C ILE B 181 8.54 2.92 20.44
N ASN B 182 7.82 2.95 21.55
CA ASN B 182 7.57 4.19 22.26
C ASN B 182 8.19 4.06 23.64
N LEU B 183 9.08 4.98 23.99
CA LEU B 183 9.94 4.82 25.14
C LEU B 183 9.16 4.77 26.46
N ARG B 184 7.98 5.40 26.50
CA ARG B 184 7.06 5.25 27.62
C ARG B 184 6.36 3.91 27.58
N SER B 185 5.84 3.52 26.43
CA SER B 185 5.05 2.31 26.26
C SER B 185 5.84 1.02 26.45
N ASN B 186 7.10 0.99 26.05
CA ASN B 186 7.91 -0.22 25.93
C ASN B 186 9.40 0.12 25.90
N ASN B 187 10.25 -0.90 26.00
CA ASN B 187 11.70 -0.76 25.84
C ASN B 187 12.24 -1.52 24.62
N SER B 188 11.35 -2.16 23.90
CA SER B 188 11.59 -3.09 22.80
C SER B 188 10.27 -3.32 22.08
N ALA B 189 10.34 -3.88 20.88
CA ALA B 189 9.15 -4.20 20.07
C ALA B 189 9.43 -5.46 19.24
N THR B 190 8.38 -6.13 18.82
CA THR B 190 8.47 -7.47 18.23
C THR B 190 7.41 -7.68 17.17
N ILE B 191 7.75 -8.47 16.17
CA ILE B 191 6.83 -8.91 15.12
C ILE B 191 7.26 -10.28 14.62
N ILE B 192 6.31 -11.12 14.24
CA ILE B 192 6.62 -12.42 13.65
C ILE B 192 5.76 -12.63 12.42
N ALA B 193 6.32 -13.30 11.41
CA ALA B 193 5.65 -13.54 10.14
C ALA B 193 5.93 -14.94 9.59
N PRO B 194 4.96 -15.54 8.92
CA PRO B 194 5.19 -16.73 8.13
C PRO B 194 5.97 -16.38 6.87
N TYR B 195 6.28 -17.40 6.08
CA TYR B 195 6.63 -17.17 4.69
C TYR B 195 5.44 -16.59 3.91
N VAL B 196 5.73 -15.88 2.83
CA VAL B 196 4.74 -15.37 1.87
C VAL B 196 5.40 -15.31 0.52
N ASN B 197 4.69 -15.68 -0.55
CA ASN B 197 4.95 -15.16 -1.88
C ASN B 197 3.73 -15.48 -2.77
N ALA B 198 3.64 -14.87 -3.95
CA ALA B 198 2.81 -15.42 -5.02
C ALA B 198 3.21 -16.85 -5.42
N VAL B 199 4.39 -17.31 -5.01
CA VAL B 199 4.96 -18.64 -5.32
C VAL B 199 5.21 -19.46 -4.07
N PRO B 200 5.09 -20.78 -4.11
CA PRO B 200 5.21 -21.62 -2.91
C PRO B 200 6.60 -21.62 -2.30
N MET B 201 7.65 -21.32 -3.07
CA MET B 201 8.98 -20.98 -2.57
C MET B 201 9.72 -20.16 -3.66
N ASP B 202 10.88 -19.59 -3.37
CA ASP B 202 11.41 -18.46 -4.13
C ASP B 202 12.96 -18.43 -4.24
N SER B 203 13.48 -17.70 -5.23
CA SER B 203 14.91 -17.52 -5.47
C SER B 203 15.51 -16.48 -4.53
N MET B 204 15.80 -16.95 -3.33
CA MET B 204 16.28 -16.22 -2.17
C MET B 204 17.16 -15.02 -2.50
N ARG B 205 18.35 -15.22 -3.06
CA ARG B 205 19.32 -14.15 -3.34
C ARG B 205 18.84 -13.19 -4.43
N SER B 206 17.94 -13.66 -5.29
CA SER B 206 17.41 -12.89 -6.42
C SER B 206 16.20 -12.04 -6.09
N HIS B 207 15.56 -12.27 -4.95
CA HIS B 207 14.33 -11.57 -4.58
C HIS B 207 14.15 -11.52 -3.07
N ASN B 208 14.11 -10.32 -2.52
CA ASN B 208 13.87 -10.15 -1.10
C ASN B 208 12.40 -10.31 -0.78
N ASN B 209 12.03 -11.55 -0.51
CA ASN B 209 10.66 -11.92 -0.32
C ASN B 209 9.97 -11.25 0.88
N TRP B 210 10.73 -10.65 1.80
CA TRP B 210 10.20 -9.80 2.87
C TRP B 210 11.13 -8.60 3.06
N SER B 211 10.69 -7.57 3.76
CA SER B 211 11.51 -6.40 4.11
C SER B 211 11.08 -5.82 5.44
N LEU B 212 11.96 -5.06 6.10
CA LEU B 212 11.74 -4.53 7.44
C LEU B 212 12.20 -3.08 7.48
N VAL B 213 11.36 -2.21 8.03
CA VAL B 213 11.55 -0.76 8.06
C VAL B 213 11.41 -0.27 9.49
N ILE B 214 12.27 0.67 9.89
CA ILE B 214 12.17 1.36 11.17
C ILE B 214 12.40 2.86 10.97
N ILE B 215 11.50 3.68 11.49
CA ILE B 215 11.44 5.11 11.16
C ILE B 215 11.29 5.95 12.42
N PRO B 216 12.06 7.04 12.56
CA PRO B 216 11.96 7.97 13.66
C PRO B 216 10.76 8.89 13.44
N ILE B 217 9.58 8.38 13.78
CA ILE B 217 8.35 9.14 13.70
C ILE B 217 8.37 10.33 14.65
N CYS B 218 9.00 10.21 15.81
CA CYS B 218 9.12 11.29 16.78
C CYS B 218 10.58 11.38 17.22
N PRO B 219 11.16 12.57 17.32
CA PRO B 219 12.60 12.70 17.50
C PRO B 219 13.05 12.20 18.86
N LEU B 220 14.18 11.51 18.88
CA LEU B 220 14.85 11.11 20.11
C LEU B 220 15.29 12.34 20.89
N GLU B 221 14.97 12.40 22.18
CA GLU B 221 15.67 13.29 23.10
C GLU B 221 15.66 12.80 24.54
N THR B 222 16.67 13.27 25.27
CA THR B 222 16.74 13.33 26.72
C THR B 222 17.59 14.54 27.08
N SER B 223 17.45 15.08 28.28
CA SER B 223 18.40 16.09 28.76
C SER B 223 19.74 15.49 29.15
N SER B 224 19.84 14.16 29.30
CA SER B 224 21.06 13.50 29.75
C SER B 224 22.18 13.62 28.72
N ALA B 225 23.44 13.55 29.15
CA ALA B 225 24.60 13.64 28.26
C ALA B 225 24.68 12.48 27.24
N ILE B 226 24.03 11.35 27.55
CA ILE B 226 23.78 10.25 26.63
C ILE B 226 22.70 10.62 25.59
N ASN B 227 23.11 11.51 24.68
CA ASN B 227 22.30 12.15 23.65
C ASN B 227 21.77 11.22 22.54
N THR B 228 22.18 9.96 22.53
CA THR B 228 21.94 9.00 21.46
C THR B 228 21.85 7.60 22.04
N ILE B 229 21.10 6.73 21.39
CA ILE B 229 20.97 5.33 21.78
C ILE B 229 21.19 4.45 20.55
N PRO B 230 21.86 3.31 20.71
CA PRO B 230 21.91 2.33 19.66
C PRO B 230 20.52 1.74 19.45
N ILE B 231 20.33 1.18 18.27
CA ILE B 231 19.33 0.16 18.04
C ILE B 231 20.03 -1.04 17.44
N THR B 232 19.52 -2.22 17.73
CA THR B 232 19.92 -3.46 17.10
C THR B 232 18.67 -4.29 16.88
N ILE B 233 18.73 -5.19 15.91
CA ILE B 233 17.64 -6.07 15.60
C ILE B 233 18.18 -7.47 15.57
N SER B 234 17.43 -8.39 16.16
CA SER B 234 17.68 -9.81 16.03
C SER B 234 16.52 -10.46 15.31
N ILE B 235 16.85 -11.48 14.54
CA ILE B 235 15.93 -12.23 13.73
C ILE B 235 16.26 -13.70 13.90
N SER B 236 15.22 -14.53 14.04
CA SER B 236 15.33 -15.93 13.68
C SER B 236 14.51 -16.15 12.41
N PRO B 237 15.06 -16.83 11.40
CA PRO B 237 14.26 -17.46 10.36
C PRO B 237 13.28 -18.46 10.99
N MET B 238 12.20 -18.75 10.28
CA MET B 238 11.16 -19.70 10.68
C MET B 238 10.92 -20.77 9.62
N CYS B 239 10.74 -22.01 10.04
CA CYS B 239 10.47 -23.16 9.15
C CYS B 239 11.37 -23.18 7.89
N ALA B 240 12.60 -22.70 8.02
CA ALA B 240 13.45 -22.41 6.87
C ALA B 240 13.74 -23.66 6.06
N GLU B 241 13.64 -23.52 4.75
CA GLU B 241 13.71 -24.61 3.78
C GLU B 241 14.48 -24.15 2.56
N PHE B 242 15.17 -25.09 1.93
CA PHE B 242 15.99 -24.82 0.75
C PHE B 242 15.95 -25.99 -0.21
N SER B 243 15.98 -25.72 -1.51
CA SER B 243 15.81 -26.74 -2.54
C SER B 243 16.56 -26.38 -3.82
N GLY B 244 16.98 -27.40 -4.57
CA GLY B 244 17.89 -27.21 -5.71
C GLY B 244 19.32 -26.92 -5.26
N ALA B 245 19.91 -27.84 -4.51
CA ALA B 245 21.29 -27.74 -4.07
C ALA B 245 22.26 -27.76 -5.25
N ARG B 246 23.22 -26.83 -5.27
CA ARG B 246 24.38 -26.82 -6.16
C ARG B 246 25.50 -26.01 -5.53
N ALA B 247 26.46 -25.51 -6.29
CA ALA B 247 27.52 -24.68 -5.76
C ALA B 247 27.03 -23.43 -5.00
N LYS B 248 27.95 -22.84 -4.25
CA LYS B 248 27.80 -21.55 -3.55
C LYS B 248 27.58 -20.44 -4.57
N ARG B 249 26.53 -19.63 -4.39
CA ARG B 249 26.19 -18.48 -5.23
C ARG B 249 27.14 -17.30 -5.03
N GLN B 250 27.52 -16.62 -6.11
CA GLN B 250 28.37 -15.41 -6.10
C GLN B 250 27.58 -14.11 -6.22
N GLY C 1 -35.48 -19.16 -36.30
CA GLY C 1 -35.00 -19.04 -34.88
C GLY C 1 -36.13 -18.54 -34.00
N LEU C 2 -36.01 -18.61 -32.67
CA LEU C 2 -37.03 -18.06 -31.78
C LEU C 2 -37.34 -16.61 -32.17
N PRO C 3 -38.61 -16.21 -32.19
CA PRO C 3 -38.96 -14.84 -32.44
C PRO C 3 -38.47 -14.03 -31.24
N VAL C 4 -37.61 -13.06 -31.49
CA VAL C 4 -36.98 -12.20 -30.48
C VAL C 4 -37.12 -10.74 -30.88
N PHE C 5 -37.11 -9.82 -29.92
CA PHE C 5 -37.08 -8.40 -30.24
C PHE C 5 -36.28 -7.59 -29.22
N ILE C 6 -35.66 -6.51 -29.69
CA ILE C 6 -34.49 -5.95 -29.03
C ILE C 6 -34.85 -4.67 -28.29
N THR C 7 -34.62 -4.65 -26.99
CA THR C 7 -34.78 -3.49 -26.09
C THR C 7 -33.65 -2.48 -26.24
N PRO C 8 -33.88 -1.18 -26.03
CA PRO C 8 -32.81 -0.21 -25.84
C PRO C 8 -31.90 -0.57 -24.67
N GLY C 9 -30.72 0.02 -24.59
CA GLY C 9 -29.63 -0.46 -23.73
C GLY C 9 -28.83 -1.61 -24.33
N SER C 10 -29.23 -2.11 -25.51
CA SER C 10 -28.42 -3.00 -26.33
C SER C 10 -27.21 -2.29 -26.94
N GLY C 11 -26.17 -3.05 -27.28
CA GLY C 11 -25.09 -2.58 -28.16
C GLY C 11 -24.18 -1.52 -27.56
N GLN C 12 -24.44 -1.04 -26.36
CA GLN C 12 -23.53 -0.19 -25.59
C GLN C 12 -22.48 -1.03 -24.86
N PHE C 13 -21.38 -0.39 -24.50
CA PHE C 13 -20.50 -0.83 -23.44
C PHE C 13 -20.65 0.11 -22.25
N LEU C 14 -20.91 -0.44 -21.08
CA LEU C 14 -20.94 0.26 -19.80
C LEU C 14 -19.79 -0.27 -18.95
N THR C 15 -18.89 0.61 -18.51
CA THR C 15 -17.70 0.22 -17.74
C THR C 15 -18.07 -0.42 -16.40
N THR C 16 -19.30 -0.24 -15.95
CA THR C 16 -19.87 -0.81 -14.73
C THR C 16 -20.95 -1.84 -15.02
N ASP C 17 -20.93 -2.49 -16.17
CA ASP C 17 -21.88 -3.55 -16.49
C ASP C 17 -21.71 -4.83 -15.65
N ASP C 18 -22.58 -5.81 -15.89
CA ASP C 18 -22.51 -7.14 -15.27
C ASP C 18 -23.12 -8.22 -16.18
N PHE C 19 -22.33 -9.21 -16.59
CA PHE C 19 -22.70 -10.23 -17.58
C PHE C 19 -21.74 -11.43 -17.58
N GLN C 20 -22.17 -12.58 -18.13
CA GLN C 20 -21.25 -13.56 -18.71
C GLN C 20 -20.57 -13.01 -19.99
N SER C 21 -19.45 -13.60 -20.38
CA SER C 21 -18.75 -13.31 -21.64
C SER C 21 -18.04 -14.57 -22.14
N PRO C 22 -17.80 -14.72 -23.46
CA PRO C 22 -17.08 -15.85 -24.01
C PRO C 22 -15.58 -15.76 -23.74
N CYS C 23 -14.92 -16.91 -23.74
CA CYS C 23 -13.50 -17.03 -23.43
C CYS C 23 -12.62 -16.66 -24.63
N ALA C 24 -11.56 -15.88 -24.43
CA ALA C 24 -10.49 -15.76 -25.44
C ALA C 24 -9.59 -17.00 -25.52
N LEU C 25 -9.52 -17.78 -24.46
CA LEU C 25 -8.48 -18.76 -24.19
C LEU C 25 -9.08 -20.07 -23.65
N PRO C 26 -9.98 -20.69 -24.41
CA PRO C 26 -10.64 -21.91 -23.98
C PRO C 26 -9.64 -23.03 -23.73
N TRP C 27 -10.08 -24.01 -22.95
CA TRP C 27 -9.28 -25.13 -22.47
C TRP C 27 -8.11 -24.78 -21.56
N TYR C 28 -7.74 -23.51 -21.40
CA TYR C 28 -6.75 -23.10 -20.42
C TYR C 28 -7.17 -23.47 -18.99
N HIS C 29 -6.20 -23.53 -18.07
CA HIS C 29 -6.46 -23.70 -16.66
C HIS C 29 -5.53 -22.82 -15.82
N PRO C 30 -6.03 -22.10 -14.81
CA PRO C 30 -5.23 -21.19 -14.01
C PRO C 30 -4.29 -21.94 -13.05
N THR C 31 -3.27 -21.27 -12.51
CA THR C 31 -2.45 -21.81 -11.42
C THR C 31 -3.29 -21.96 -10.16
N LYS C 32 -3.02 -22.93 -9.29
CA LYS C 32 -3.77 -23.07 -8.03
C LYS C 32 -3.47 -21.94 -7.05
N GLU C 33 -4.47 -21.55 -6.28
CA GLU C 33 -4.33 -20.66 -5.15
C GLU C 33 -3.66 -21.40 -4.00
N ILE C 34 -2.33 -21.25 -3.87
CA ILE C 34 -1.66 -21.63 -2.63
C ILE C 34 -2.20 -20.79 -1.47
N SER C 35 -2.09 -21.24 -0.23
CA SER C 35 -2.57 -20.48 0.95
C SER C 35 -1.64 -19.32 1.29
N ILE C 36 -1.57 -18.32 0.43
CA ILE C 36 -0.87 -17.07 0.72
C ILE C 36 -1.49 -16.46 1.99
N PRO C 37 -0.72 -15.95 2.96
CA PRO C 37 -1.26 -15.18 4.08
C PRO C 37 -1.86 -13.85 3.58
N GLY C 38 -2.52 -13.11 4.47
CA GLY C 38 -3.02 -11.79 4.11
C GLY C 38 -4.19 -11.85 3.12
N GLU C 39 -5.16 -12.70 3.44
CA GLU C 39 -6.47 -12.69 2.78
C GLU C 39 -7.20 -11.36 2.93
N VAL C 40 -8.15 -11.08 2.03
CA VAL C 40 -9.04 -9.92 2.05
C VAL C 40 -10.30 -10.20 1.23
N LYS C 41 -11.44 -9.64 1.63
CA LYS C 41 -12.74 -9.83 0.97
C LYS C 41 -13.40 -8.49 0.64
N ASN C 42 -13.13 -7.48 1.45
CA ASN C 42 -13.83 -6.21 1.41
C ASN C 42 -12.85 -5.06 1.73
N LEU C 43 -13.25 -3.83 1.47
CA LEU C 43 -12.46 -2.67 1.87
C LEU C 43 -12.56 -2.39 3.39
N VAL C 44 -13.60 -2.86 4.09
CA VAL C 44 -13.81 -2.47 5.49
C VAL C 44 -12.71 -2.92 6.43
N GLU C 45 -12.06 -4.03 6.17
CA GLU C 45 -10.90 -4.45 6.95
C GLU C 45 -9.78 -3.43 6.85
N ILE C 46 -9.56 -2.82 5.68
CA ILE C 46 -8.63 -1.70 5.56
C ILE C 46 -9.14 -0.53 6.39
N CYS C 47 -10.44 -0.27 6.40
CA CYS C 47 -11.00 0.81 7.22
C CYS C 47 -10.73 0.57 8.70
N GLN C 48 -10.76 -0.67 9.15
CA GLN C 48 -10.53 -1.04 10.53
C GLN C 48 -9.09 -0.72 10.98
N VAL C 49 -8.13 -0.61 10.05
CA VAL C 49 -6.75 -0.28 10.39
C VAL C 49 -6.64 1.15 10.89
N ASP C 50 -6.09 1.34 12.08
CA ASP C 50 -5.67 2.66 12.47
C ASP C 50 -4.57 3.19 11.57
N SER C 51 -4.76 4.36 10.99
CA SER C 51 -3.70 5.11 10.29
C SER C 51 -3.55 6.50 10.86
N LEU C 52 -2.33 7.02 10.81
CA LEU C 52 -2.05 8.34 11.33
C LEU C 52 -2.69 9.41 10.46
N VAL C 53 -3.30 10.40 11.09
CA VAL C 53 -3.53 11.67 10.43
C VAL C 53 -2.21 12.39 10.26
N PRO C 54 -1.89 12.96 9.09
CA PRO C 54 -0.95 14.06 9.01
C PRO C 54 -1.62 15.33 9.55
N ILE C 55 -1.94 15.29 10.85
CA ILE C 55 -2.59 16.31 11.66
C ILE C 55 -2.00 17.69 11.44
N ASN C 56 -0.69 17.76 11.44
CA ASN C 56 0.12 18.95 11.48
C ASN C 56 0.54 19.34 10.06
N ASN C 57 -0.45 19.43 9.17
CA ASN C 57 -0.29 19.79 7.77
C ASN C 57 0.05 21.29 7.58
N THR C 58 1.32 21.65 7.73
CA THR C 58 1.84 22.98 7.36
C THR C 58 3.21 22.88 6.70
N ASP C 59 3.63 23.95 6.03
CA ASP C 59 4.93 24.10 5.40
C ASP C 59 6.09 23.62 6.28
N THR C 60 6.08 23.99 7.56
CA THR C 60 7.22 23.72 8.45
C THR C 60 7.36 22.25 8.82
N TYR C 61 6.42 21.40 8.41
CA TYR C 61 6.40 19.98 8.77
C TYR C 61 6.07 19.05 7.62
N ILE C 62 5.47 19.55 6.53
CA ILE C 62 4.85 18.72 5.49
C ILE C 62 5.82 17.74 4.85
N ASN C 63 7.03 18.18 4.53
CA ASN C 63 8.00 17.34 3.85
C ASN C 63 8.75 16.39 4.80
N SER C 64 8.06 15.89 5.83
CA SER C 64 8.67 15.17 6.94
C SER C 64 7.64 14.38 7.73
N GLU C 65 8.12 13.50 8.58
CA GLU C 65 7.35 12.84 9.61
C GLU C 65 6.50 13.79 10.47
N ASN C 66 6.96 15.03 10.65
CA ASN C 66 6.44 15.87 11.71
C ASN C 66 5.01 16.29 11.46
N MET C 67 4.52 16.27 10.23
CA MET C 67 3.12 16.55 10.00
C MET C 67 2.19 15.46 10.57
N TYR C 68 2.68 14.26 10.89
CA TYR C 68 1.89 13.31 11.68
C TYR C 68 1.85 13.61 13.17
N SER C 69 2.59 14.61 13.64
CA SER C 69 2.84 14.80 15.08
C SER C 69 2.50 16.20 15.54
N VAL C 70 2.18 16.38 16.81
CA VAL C 70 2.06 17.70 17.44
C VAL C 70 2.95 17.80 18.65
N VAL C 71 3.41 19.00 18.93
CA VAL C 71 4.32 19.31 20.04
C VAL C 71 3.57 20.03 21.15
N LEU C 72 3.75 19.63 22.40
CA LEU C 72 3.08 20.18 23.58
C LEU C 72 4.05 20.92 24.49
N GLN C 73 3.57 21.93 25.19
CA GLN C 73 4.39 22.91 25.92
C GLN C 73 4.10 22.85 27.41
N SER C 74 4.92 22.08 28.15
CA SER C 74 4.74 21.90 29.59
C SER C 74 4.87 23.21 30.38
N SER C 75 5.38 24.26 29.77
CA SER C 75 5.55 25.60 30.37
C SER C 75 4.23 26.34 30.63
N ILE C 76 3.08 25.91 30.11
CA ILE C 76 1.90 26.77 30.04
C ILE C 76 0.83 26.41 31.08
N ASN C 77 0.58 27.29 32.05
CA ASN C 77 -0.67 27.31 32.83
C ASN C 77 -1.80 27.91 31.96
N ALA C 78 -2.52 27.09 31.19
CA ALA C 78 -3.70 27.52 30.43
C ALA C 78 -4.67 26.36 30.17
N PRO C 79 -5.96 26.64 29.94
CA PRO C 79 -6.95 25.65 29.54
C PRO C 79 -7.00 25.42 28.02
N ASP C 80 -6.19 26.15 27.25
CA ASP C 80 -6.51 26.48 25.86
C ASP C 80 -6.29 25.38 24.80
N LYS C 81 -6.69 25.71 23.57
CA LYS C 81 -6.76 24.79 22.45
C LYS C 81 -5.36 24.38 22.01
N ILE C 82 -5.18 23.09 21.85
CA ILE C 82 -3.99 22.45 21.33
C ILE C 82 -4.08 22.29 19.82
N PHE C 83 -5.20 21.78 19.30
CA PHE C 83 -5.48 21.69 17.86
C PHE C 83 -6.98 21.48 17.59
N SER C 84 -7.38 21.61 16.33
CA SER C 84 -8.70 21.16 15.87
C SER C 84 -8.67 20.74 14.40
N ILE C 85 -9.65 19.95 13.97
CA ILE C 85 -9.79 19.40 12.61
C ILE C 85 -11.26 19.34 12.25
N ARG C 86 -11.61 19.26 10.97
CA ARG C 86 -12.93 18.77 10.52
C ARG C 86 -13.14 17.29 10.90
N THR C 87 -14.26 16.72 10.47
CA THR C 87 -14.59 15.29 10.67
C THR C 87 -15.13 14.61 9.41
N ASP C 88 -15.42 15.39 8.37
CA ASP C 88 -15.83 14.93 7.07
C ASP C 88 -14.73 14.03 6.46
N VAL C 89 -15.01 12.75 6.22
CA VAL C 89 -13.96 11.74 5.96
C VAL C 89 -13.01 12.07 4.80
N ALA C 90 -13.50 12.71 3.75
CA ALA C 90 -12.68 13.14 2.62
C ALA C 90 -12.26 14.62 2.68
N SER C 91 -12.35 15.28 3.83
CA SER C 91 -11.75 16.61 4.01
C SER C 91 -10.25 16.50 4.30
N GLN C 92 -9.49 17.56 4.01
CA GLN C 92 -8.11 17.66 4.47
C GLN C 92 -8.06 17.80 6.01
N PRO C 93 -7.03 17.26 6.68
CA PRO C 93 -6.05 16.32 6.15
C PRO C 93 -6.61 14.89 6.08
N LEU C 94 -7.73 14.58 6.75
CA LEU C 94 -8.23 13.21 6.94
C LEU C 94 -8.28 12.37 5.68
N ALA C 95 -8.61 12.97 4.54
CA ALA C 95 -8.62 12.32 3.23
C ALA C 95 -7.33 11.55 2.93
N THR C 96 -6.21 12.07 3.37
CA THR C 96 -4.87 11.50 3.14
C THR C 96 -4.64 10.23 3.97
N THR C 97 -5.42 10.00 5.02
CA THR C 97 -5.41 8.70 5.71
C THR C 97 -5.94 7.64 4.78
N LEU C 98 -5.62 6.38 5.02
CA LEU C 98 -6.10 5.33 4.15
C LEU C 98 -7.62 5.20 4.20
N ILE C 99 -8.26 5.42 5.35
CA ILE C 99 -9.73 5.47 5.40
C ILE C 99 -10.19 6.66 4.59
N GLY C 100 -9.48 7.78 4.70
CA GLY C 100 -9.68 8.95 3.88
C GLY C 100 -9.67 8.60 2.41
N GLU C 101 -8.64 7.94 1.90
CA GLU C 101 -8.56 7.60 0.50
C GLU C 101 -9.69 6.65 0.10
N ILE C 102 -9.92 5.61 0.89
CA ILE C 102 -11.01 4.70 0.62
C ILE C 102 -12.34 5.47 0.58
N SER C 103 -12.57 6.40 1.49
CA SER C 103 -13.75 7.26 1.44
C SER C 103 -13.74 8.16 0.21
N SER C 104 -12.57 8.59 -0.22
CA SER C 104 -12.40 9.45 -1.37
C SER C 104 -12.70 8.72 -2.66
N TYR C 105 -12.47 7.41 -2.68
CA TYR C 105 -12.94 6.47 -3.70
C TYR C 105 -14.45 6.21 -3.65
N PHE C 106 -15.20 6.90 -2.82
CA PHE C 106 -16.62 6.65 -2.58
C PHE C 106 -17.38 7.95 -2.43
N THR C 107 -18.71 7.91 -2.50
CA THR C 107 -19.53 9.13 -2.51
C THR C 107 -20.39 9.25 -1.27
N HIS C 108 -20.79 8.13 -0.69
CA HIS C 108 -21.58 8.07 0.52
C HIS C 108 -20.79 7.39 1.62
N TRP C 109 -20.96 7.84 2.86
CA TRP C 109 -20.40 7.19 4.03
C TRP C 109 -21.40 7.22 5.16
N THR C 110 -21.19 6.31 6.11
CA THR C 110 -22.01 6.18 7.30
C THR C 110 -21.24 5.55 8.42
N GLY C 111 -21.74 5.75 9.64
CA GLY C 111 -21.21 5.12 10.83
C GLY C 111 -20.07 5.92 11.45
N SER C 112 -19.89 5.66 12.73
CA SER C 112 -19.02 6.38 13.64
C SER C 112 -17.56 6.04 13.38
N LEU C 113 -16.67 6.98 13.68
CA LEU C 113 -15.24 6.83 13.45
C LEU C 113 -14.50 6.70 14.78
N ARG C 114 -13.52 5.80 14.81
CA ARG C 114 -12.57 5.64 15.92
C ARG C 114 -11.40 6.58 15.73
N PHE C 115 -10.98 7.17 16.84
CA PHE C 115 -9.86 8.07 16.96
C PHE C 115 -9.01 7.64 18.13
N SER C 116 -7.71 7.79 18.03
CA SER C 116 -6.78 7.29 19.04
C SER C 116 -5.54 8.17 19.14
N PHE C 117 -4.93 8.20 20.33
CA PHE C 117 -4.00 9.24 20.72
C PHE C 117 -2.99 8.71 21.73
N MET C 118 -1.69 8.82 21.46
CA MET C 118 -0.62 8.38 22.37
C MET C 118 0.09 9.56 22.99
N PHE C 119 0.32 9.51 24.30
CA PHE C 119 1.18 10.48 24.94
C PHE C 119 2.64 10.10 24.70
N CYS C 120 3.21 10.61 23.61
CA CYS C 120 4.54 10.21 23.16
C CYS C 120 5.69 10.86 23.95
N GLY C 121 5.39 11.68 24.96
CA GLY C 121 6.38 12.35 25.79
C GLY C 121 7.12 11.43 26.76
N THR C 122 7.93 12.04 27.62
CA THR C 122 8.86 11.33 28.48
C THR C 122 8.11 10.51 29.49
N ALA C 123 8.52 9.27 29.72
CA ALA C 123 7.74 8.34 30.54
C ALA C 123 7.45 8.87 31.95
N ASN C 124 8.40 9.61 32.52
CA ASN C 124 8.29 10.27 33.81
C ASN C 124 7.21 11.38 33.90
N THR C 125 6.59 11.77 32.78
CA THR C 125 5.76 12.98 32.66
C THR C 125 4.28 12.67 32.80
N THR C 126 3.49 13.62 33.32
CA THR C 126 2.04 13.45 33.48
C THR C 126 1.24 14.64 32.94
N VAL C 127 -0.01 14.36 32.55
CA VAL C 127 -1.03 15.32 32.14
C VAL C 127 -2.38 14.59 32.15
N LYS C 128 -3.48 15.32 32.11
CA LYS C 128 -4.73 14.83 31.53
C LYS C 128 -5.24 15.84 30.51
N LEU C 129 -5.81 15.36 29.41
CA LEU C 129 -6.14 16.16 28.24
C LEU C 129 -7.58 15.96 27.81
N LEU C 130 -8.13 16.96 27.13
CA LEU C 130 -9.48 16.90 26.63
C LEU C 130 -9.43 16.68 25.13
N LEU C 131 -10.02 15.57 24.69
CA LEU C 131 -10.35 15.32 23.30
C LEU C 131 -11.85 15.40 23.16
N ALA C 132 -12.32 16.21 22.21
CA ALA C 132 -13.72 16.53 22.08
C ALA C 132 -14.16 16.62 20.62
N TYR C 133 -15.46 16.42 20.42
CA TYR C 133 -16.13 16.48 19.15
C TYR C 133 -17.25 17.52 19.16
N THR C 134 -17.38 18.24 18.06
CA THR C 134 -18.43 19.23 17.89
C THR C 134 -19.46 18.75 16.87
N PRO C 135 -20.66 18.40 17.31
CA PRO C 135 -21.86 18.34 16.51
C PRO C 135 -22.09 19.66 15.77
N PRO C 136 -22.25 19.66 14.45
CA PRO C 136 -22.12 20.85 13.62
C PRO C 136 -23.35 21.76 13.66
N GLY C 137 -23.56 22.54 12.61
CA GLY C 137 -24.49 23.67 12.57
C GLY C 137 -24.01 24.85 13.41
N ILE C 138 -22.75 24.84 13.84
CA ILE C 138 -22.18 25.75 14.83
C ILE C 138 -20.69 25.94 14.55
N ALA C 139 -20.12 27.05 15.01
CA ALA C 139 -18.68 27.31 14.85
C ALA C 139 -17.80 26.34 15.66
N GLU C 140 -16.54 26.17 15.25
CA GLU C 140 -15.56 25.39 16.00
C GLU C 140 -15.22 26.09 17.33
N PRO C 141 -15.23 25.39 18.47
CA PRO C 141 -15.17 26.01 19.78
C PRO C 141 -13.93 26.86 20.04
N THR C 142 -14.06 27.82 20.97
CA THR C 142 -13.06 28.85 21.28
C THR C 142 -12.76 28.94 22.78
N THR C 143 -13.47 28.18 23.60
CA THR C 143 -13.10 27.86 24.98
C THR C 143 -13.14 26.36 25.20
N ARG C 144 -12.35 25.90 26.16
CA ARG C 144 -12.40 24.52 26.61
C ARG C 144 -13.80 24.13 27.09
N LYS C 145 -14.49 25.02 27.81
CA LYS C 145 -15.85 24.74 28.31
C LYS C 145 -16.82 24.52 27.15
N ASP C 146 -16.63 25.19 26.03
CA ASP C 146 -17.43 24.92 24.82
C ASP C 146 -17.31 23.47 24.42
N ALA C 147 -16.07 22.98 24.32
CA ALA C 147 -15.82 21.61 23.99
C ALA C 147 -16.37 20.66 25.06
N MET C 148 -16.34 21.04 26.34
CA MET C 148 -16.94 20.28 27.43
C MET C 148 -18.46 20.14 27.27
N LEU C 149 -19.13 21.07 26.58
CA LEU C 149 -20.55 20.90 26.24
C LEU C 149 -20.76 19.92 25.08
N GLY C 150 -19.79 19.81 24.17
CA GLY C 150 -19.75 18.76 23.16
C GLY C 150 -19.52 17.37 23.76
N THR C 151 -19.68 16.31 22.96
CA THR C 151 -19.28 14.97 23.40
C THR C 151 -17.76 14.88 23.43
N HIS C 152 -17.22 14.35 24.51
CA HIS C 152 -15.78 14.42 24.76
C HIS C 152 -15.31 13.37 25.77
N VAL C 153 -14.00 13.20 25.84
CA VAL C 153 -13.29 12.33 26.76
C VAL C 153 -12.16 13.10 27.43
N ILE C 154 -11.96 12.87 28.73
CA ILE C 154 -10.79 13.36 29.46
C ILE C 154 -9.85 12.19 29.69
N TRP C 155 -8.63 12.36 29.23
CA TRP C 155 -7.62 11.32 29.17
C TRP C 155 -6.87 11.18 30.48
N ASP C 156 -7.20 10.13 31.26
CA ASP C 156 -6.35 9.63 32.34
C ASP C 156 -5.09 9.00 31.71
N VAL C 157 -3.99 9.76 31.59
CA VAL C 157 -2.69 9.27 31.07
C VAL C 157 -2.01 8.37 32.11
N GLY C 158 -2.60 7.21 32.36
CA GLY C 158 -2.07 6.17 33.25
C GLY C 158 -0.83 5.49 32.67
N LEU C 159 -0.45 4.33 33.19
CA LEU C 159 0.63 3.50 32.62
C LEU C 159 0.35 3.18 31.15
N GLN C 160 -0.91 2.91 30.83
CA GLN C 160 -1.33 2.57 29.49
C GLN C 160 -1.06 3.70 28.49
N SER C 161 -0.71 3.37 27.25
CA SER C 161 -0.10 4.33 26.32
C SER C 161 -1.07 5.31 25.67
N THR C 162 -2.30 4.86 25.40
CA THR C 162 -3.16 5.45 24.38
C THR C 162 -4.54 5.69 24.93
N ILE C 163 -5.14 6.85 24.62
CA ILE C 163 -6.61 6.99 24.71
C ILE C 163 -7.22 6.85 23.33
N SER C 164 -8.34 6.14 23.28
CA SER C 164 -9.09 5.91 22.05
C SER C 164 -10.57 6.19 22.31
N MET C 165 -11.24 6.82 21.35
CA MET C 165 -12.57 7.42 21.50
C MET C 165 -13.25 7.57 20.14
N VAL C 166 -14.54 7.86 20.12
CA VAL C 166 -15.34 7.81 18.91
C VAL C 166 -16.10 9.10 18.68
N VAL C 167 -16.06 9.64 17.46
CA VAL C 167 -17.08 10.61 17.02
C VAL C 167 -18.34 9.81 16.74
N PRO C 168 -19.43 10.01 17.48
CA PRO C 168 -20.66 9.31 17.22
C PRO C 168 -21.23 9.74 15.88
N TRP C 169 -21.84 8.80 15.17
CA TRP C 169 -22.61 9.13 13.97
C TRP C 169 -23.88 9.89 14.34
N ILE C 170 -23.91 11.17 13.99
CA ILE C 170 -25.03 12.08 14.24
C ILE C 170 -25.36 12.81 12.94
N SER C 171 -25.30 12.10 11.81
CA SER C 171 -25.84 12.63 10.56
C SER C 171 -27.36 12.55 10.56
N ALA C 172 -28.03 13.61 10.10
CA ALA C 172 -29.47 13.62 9.93
C ALA C 172 -29.90 12.45 9.03
N SER C 173 -29.29 12.37 7.87
CA SER C 173 -29.44 11.28 6.91
C SER C 173 -28.59 10.07 7.32
N HIS C 174 -29.06 8.84 7.03
CA HIS C 174 -28.31 7.63 7.34
C HIS C 174 -26.92 7.62 6.76
N TYR C 175 -26.74 8.19 5.58
CA TYR C 175 -25.42 8.46 5.04
C TYR C 175 -25.15 9.96 5.08
N ARG C 176 -23.92 10.32 4.81
CA ARG C 176 -23.51 11.66 4.40
C ARG C 176 -22.68 11.55 3.14
N ASN C 177 -22.61 12.60 2.36
CA ASN C 177 -21.69 12.70 1.24
C ASN C 177 -20.25 12.68 1.75
N THR C 178 -19.37 11.97 1.07
CA THR C 178 -17.98 11.74 1.49
C THR C 178 -17.15 13.00 1.43
N SER C 179 -17.26 13.78 0.36
CA SER C 179 -16.66 15.10 0.29
C SER C 179 -17.72 16.17 0.44
N PRO C 180 -17.60 17.09 1.38
CA PRO C 180 -18.41 18.29 1.39
C PRO C 180 -17.89 19.27 0.34
N GLY C 181 -18.82 19.87 -0.40
CA GLY C 181 -18.59 21.20 -0.95
C GLY C 181 -18.86 22.23 0.14
N ARG C 182 -19.89 23.04 -0.08
CA ARG C 182 -20.47 23.99 0.88
C ARG C 182 -21.30 23.25 1.96
N SER C 183 -20.63 22.41 2.76
CA SER C 183 -21.24 21.50 3.75
C SER C 183 -20.26 21.11 4.86
N THR C 184 -20.72 20.51 5.97
CA THR C 184 -19.91 20.20 7.16
C THR C 184 -20.42 18.99 7.95
N SER C 185 -19.51 18.24 8.58
CA SER C 185 -19.83 17.10 9.45
C SER C 185 -19.57 17.36 10.93
N GLY C 186 -18.77 18.36 11.28
CA GLY C 186 -18.39 18.69 12.66
C GLY C 186 -16.89 18.74 12.85
N TYR C 187 -16.43 18.99 14.07
CA TYR C 187 -15.01 19.19 14.36
C TYR C 187 -14.48 18.23 15.42
N ILE C 188 -13.23 17.80 15.26
CA ILE C 188 -12.39 17.36 16.37
C ILE C 188 -11.73 18.58 16.99
N THR C 189 -11.61 18.63 18.31
CA THR C 189 -10.95 19.71 19.02
C THR C 189 -10.25 19.22 20.28
N CYS C 190 -9.10 19.79 20.60
CA CYS C 190 -8.18 19.25 21.60
C CYS C 190 -7.68 20.34 22.54
N TRP C 191 -7.62 20.07 23.84
CA TRP C 191 -7.38 21.10 24.84
C TRP C 191 -6.62 20.56 26.06
N TYR C 192 -5.87 21.46 26.70
CA TYR C 192 -5.21 21.24 27.98
C TYR C 192 -6.25 21.12 29.10
N GLN C 193 -6.61 19.89 29.50
CA GLN C 193 -7.58 19.71 30.60
C GLN C 193 -6.90 20.00 31.94
N THR C 194 -5.73 19.43 32.17
CA THR C 194 -4.72 20.05 33.04
C THR C 194 -3.67 20.70 32.14
N ARG C 195 -2.78 21.49 32.75
CA ARG C 195 -1.43 21.70 32.22
C ARG C 195 -0.69 20.37 32.10
N LEU C 196 0.20 20.26 31.12
CA LEU C 196 1.20 19.21 31.03
C LEU C 196 2.32 19.45 32.05
N VAL C 197 2.67 18.46 32.88
CA VAL C 197 3.77 18.55 33.85
C VAL C 197 4.83 17.48 33.62
N ILE C 198 5.99 17.93 33.13
CA ILE C 198 7.23 17.18 33.23
C ILE C 198 7.82 17.31 34.64
N PRO C 199 8.59 16.33 35.14
CA PRO C 199 9.42 16.54 36.32
C PRO C 199 10.70 17.32 35.96
N PRO C 200 11.40 17.92 36.93
CA PRO C 200 12.47 18.86 36.65
C PRO C 200 13.60 18.29 35.79
N GLN C 201 14.20 19.17 34.99
CA GLN C 201 15.19 18.89 33.93
C GLN C 201 14.85 17.78 32.91
N THR C 202 13.60 17.34 32.80
CA THR C 202 13.10 16.63 31.61
C THR C 202 13.12 17.57 30.39
N PRO C 203 13.16 17.09 29.13
CA PRO C 203 13.00 17.95 27.97
C PRO C 203 11.72 18.81 28.08
N PRO C 204 11.76 20.12 27.78
CA PRO C 204 10.71 21.10 28.05
C PRO C 204 9.58 21.05 27.01
N THR C 205 9.18 19.83 26.65
CA THR C 205 8.56 19.46 25.38
C THR C 205 7.80 18.16 25.56
N ALA C 206 6.83 17.89 24.70
CA ALA C 206 6.31 16.54 24.51
C ALA C 206 5.73 16.37 23.10
N ARG C 207 5.50 15.13 22.69
CA ARG C 207 4.94 14.78 21.38
C ARG C 207 3.63 14.04 21.55
N LEU C 208 2.72 14.20 20.60
CA LEU C 208 1.49 13.44 20.48
C LEU C 208 1.28 13.03 19.02
N LEU C 209 0.90 11.77 18.84
CA LEU C 209 0.56 11.14 17.57
C LEU C 209 -0.91 10.72 17.62
N CYS C 210 -1.60 10.87 16.48
CA CYS C 210 -3.05 10.71 16.40
C CYS C 210 -3.45 9.77 15.26
N PHE C 211 -4.38 8.89 15.56
CA PHE C 211 -4.80 7.78 14.74
C PHE C 211 -6.28 7.82 14.50
N VAL C 212 -6.71 7.27 13.37
CA VAL C 212 -8.12 7.03 13.08
C VAL C 212 -8.33 5.74 12.32
N SER C 213 -9.52 5.18 12.48
CA SER C 213 -10.02 4.02 11.75
C SER C 213 -11.54 3.99 11.78
N GLY C 214 -12.11 3.23 10.86
CA GLY C 214 -13.54 2.88 10.89
C GLY C 214 -13.83 2.02 12.11
N CYS C 215 -14.91 2.36 12.82
CA CYS C 215 -15.50 1.47 13.81
C CYS C 215 -16.25 0.32 13.12
N LYS C 216 -16.65 -0.70 13.87
CA LYS C 216 -17.60 -1.75 13.45
C LYS C 216 -18.88 -1.19 12.80
N ASP C 217 -19.26 0.02 13.20
CA ASP C 217 -20.38 0.78 12.66
C ASP C 217 -20.20 1.25 11.19
N PHE C 218 -18.97 1.37 10.71
CA PHE C 218 -18.65 2.12 9.49
C PHE C 218 -19.01 1.41 8.19
N CYS C 219 -19.41 2.17 7.16
CA CYS C 219 -19.70 1.66 5.81
C CYS C 219 -19.69 2.77 4.73
N LEU C 220 -19.59 2.41 3.44
CA LEU C 220 -19.58 3.33 2.29
C LEU C 220 -20.49 2.88 1.14
N ARG C 221 -20.89 3.83 0.27
CA ARG C 221 -21.53 3.58 -1.03
C ARG C 221 -21.11 4.56 -2.12
N MET C 222 -21.44 4.23 -3.35
CA MET C 222 -21.10 4.97 -4.53
C MET C 222 -19.60 5.14 -4.70
N ALA C 223 -18.95 3.99 -4.88
CA ALA C 223 -17.58 3.94 -5.33
C ALA C 223 -17.41 4.79 -6.59
N ARG C 224 -16.46 5.70 -6.56
CA ARG C 224 -16.19 6.67 -7.58
C ARG C 224 -14.69 6.86 -7.72
N ASP C 225 -14.23 7.18 -8.91
CA ASP C 225 -12.81 7.30 -9.17
C ASP C 225 -12.26 8.50 -8.39
N THR C 226 -11.36 8.23 -7.45
CA THR C 226 -11.16 9.10 -6.28
C THR C 226 -10.74 10.53 -6.61
N ASN C 227 -11.21 11.49 -5.80
CA ASN C 227 -10.69 12.87 -5.80
C ASN C 227 -9.17 12.93 -5.60
N LEU C 228 -8.64 12.03 -4.79
CA LEU C 228 -7.42 12.27 -4.04
C LEU C 228 -6.16 12.40 -4.92
N HIS C 229 -6.18 11.79 -6.11
CA HIS C 229 -5.01 11.62 -6.95
C HIS C 229 -5.28 12.07 -8.39
N LEU C 230 -4.27 12.68 -9.01
CA LEU C 230 -4.33 13.16 -10.38
C LEU C 230 -3.22 12.57 -11.25
N GLN C 231 -3.60 12.23 -12.48
CA GLN C 231 -2.68 11.94 -13.56
C GLN C 231 -2.72 13.11 -14.54
N SER C 232 -1.59 13.73 -14.81
CA SER C 232 -1.44 14.65 -15.95
C SER C 232 -0.73 13.93 -17.10
N GLY C 233 -1.27 14.09 -18.31
CA GLY C 233 -0.70 13.52 -19.53
C GLY C 233 -0.61 11.99 -19.53
N ALA C 234 0.31 11.48 -20.35
CA ALA C 234 0.64 10.07 -20.43
C ALA C 234 1.53 9.64 -19.25
N ILE C 235 1.25 8.47 -18.69
CA ILE C 235 2.15 7.79 -17.76
C ILE C 235 3.25 7.13 -18.59
N ALA C 236 4.46 7.65 -18.53
CA ALA C 236 5.63 7.03 -19.15
C ALA C 236 6.05 5.72 -18.46
N GLN C 237 6.99 5.01 -19.06
CA GLN C 237 7.22 3.57 -18.84
C GLN C 237 8.69 3.15 -18.82
#